data_6G1V
#
_entry.id   6G1V
#
_cell.length_a   91.740
_cell.length_b   106.440
_cell.length_c   150.680
_cell.angle_alpha   90.00
_cell.angle_beta   90.00
_cell.angle_gamma   90.00
#
_symmetry.space_group_name_H-M   'P 21 21 21'
#
loop_
_entity.id
_entity.type
_entity.pdbx_description
1 polymer Acetylcholinesterase
2 non-polymer 2-acetamido-2-deoxy-beta-D-glucopyranose
3 non-polymer 12-Amino-3-chloro-6,7,10,11-tetrahydro-5,9-dimethyl-7,11-methanocycloocta[b]quinolin-5-ium
4 non-polymer 'CHLORIDE ION'
5 non-polymer DI(HYDROXYETHYL)ETHER
6 water water
#
_entity_poly.entity_id   1
_entity_poly.type   'polypeptide(L)'
_entity_poly.pdbx_seq_one_letter_code
;DDHSELLVNTKSGKVMGTRVPVLSSHISAFLGIPFAEPPVGNMRFRRPEPKKPWSGVWNASTYPNNCQQYVDEQFPGFSG
SEMWNPNREMSEDCLYLNIWVPSPRPKSTTVMVWIYGGGFYSGSSTLDVYNGKYLAYTEEVVLVSLSYRVGAFGFLALHG
SQEAPGNVGLLDQRMALQWVHDNIQFFGGDPKTVTIFGESAGGASVGMHILSPGSRDLFRRAILQSGSPNCPWASVSVAE
GRRRAVELGRNLNCNLNSDEELIHCLREKKPQELIDVEWNVLPFDSIFRFSFVPVIDGEFFPTSLESMLNSGNFKKTQIL
LGVNKDEGSFFLLYGAPGFSKDSESKISREDFMSGVKLSVPHANDLGLDAVTLQYTDWMDDNNGIKNRDGLDDIVGDHNV
ICPLMHFVNKYTKFGNGTYLYFFNHRASNLVWPEWMGVIHGYEIEFVFGLPLVKELNYTAEEEALSRRIMHYWATFAKTG
NPNEPHSQESKWPLFTTKEQKFIDLNTEPMKVHQRLRVQMCVFWNQFLPKLLNATACDGELSSSGTSSSKGIIFYVLFSI
LYLIF
;
_entity_poly.pdbx_strand_id   A,B
#
loop_
_chem_comp.id
_chem_comp.type
_chem_comp.name
_chem_comp.formula
CL non-polymer 'CHLORIDE ION' 'Cl -1'
E1N non-polymer 12-Amino-3-chloro-6,7,10,11-tetrahydro-5,9-dimethyl-7,11-methanocycloocta[b]quinolin-5-ium 'C19 H22 Cl N2 1'
NAG D-saccharide, beta linking 2-acetamido-2-deoxy-beta-D-glucopyranose 'C8 H15 N O6'
PEG non-polymer DI(HYDROXYETHYL)ETHER 'C4 H10 O3'
#
# COMPACT_ATOMS: atom_id res chain seq x y z
N SER A 4 -18.40 -8.68 18.63
CA SER A 4 -17.58 -8.64 19.83
C SER A 4 -16.67 -7.41 19.80
N GLU A 5 -15.70 -7.42 18.89
CA GLU A 5 -14.93 -6.21 18.65
C GLU A 5 -15.80 -5.14 18.00
N LEU A 6 -16.76 -5.55 17.19
CA LEU A 6 -17.66 -4.65 16.48
C LEU A 6 -18.97 -4.40 17.22
N LEU A 7 -19.22 -5.08 18.33
CA LEU A 7 -20.47 -4.97 19.05
C LEU A 7 -20.20 -4.29 20.39
N VAL A 8 -20.60 -3.02 20.51
CA VAL A 8 -20.31 -2.21 21.69
C VAL A 8 -21.62 -1.82 22.34
N ASN A 9 -21.68 -1.95 23.67
CA ASN A 9 -22.84 -1.49 24.44
CA ASN A 9 -22.83 -1.50 24.44
C ASN A 9 -22.52 -0.11 25.00
N THR A 10 -23.26 0.90 24.52
CA THR A 10 -23.12 2.25 25.01
C THR A 10 -24.22 2.56 26.03
N LYS A 11 -24.10 3.73 26.66
CA LYS A 11 -25.08 4.13 27.65
C LYS A 11 -26.48 4.30 27.07
N SER A 12 -26.61 4.43 25.75
CA SER A 12 -27.91 4.59 25.14
C SER A 12 -28.32 3.39 24.29
N GLY A 13 -27.54 2.32 24.33
CA GLY A 13 -27.95 1.12 23.62
C GLY A 13 -26.80 0.49 22.86
N LYS A 14 -27.06 -0.67 22.26
CA LYS A 14 -26.03 -1.40 21.55
C LYS A 14 -25.82 -0.84 20.14
N VAL A 15 -24.56 -0.87 19.69
CA VAL A 15 -24.17 -0.44 18.36
CA VAL A 15 -24.19 -0.45 18.35
C VAL A 15 -23.32 -1.54 17.74
N MET A 16 -23.53 -1.81 16.45
CA MET A 16 -22.75 -2.79 15.71
C MET A 16 -21.98 -2.08 14.59
N GLY A 17 -20.65 -2.01 14.71
CA GLY A 17 -19.81 -1.41 13.69
C GLY A 17 -19.49 -2.36 12.55
N THR A 18 -18.45 -2.01 11.79
CA THR A 18 -18.06 -2.78 10.61
C THR A 18 -16.54 -2.78 10.50
N ARG A 19 -15.99 -3.85 9.94
CA ARG A 19 -14.55 -3.99 9.75
CA ARG A 19 -14.55 -3.99 9.75
C ARG A 19 -14.17 -3.42 8.39
N VAL A 20 -13.34 -2.38 8.39
CA VAL A 20 -13.03 -1.69 7.14
C VAL A 20 -11.56 -1.89 6.75
N PRO A 21 -11.25 -1.97 5.47
CA PRO A 21 -9.85 -2.02 5.06
C PRO A 21 -9.21 -0.64 5.21
N VAL A 22 -7.97 -0.64 5.69
CA VAL A 22 -7.16 0.58 5.72
C VAL A 22 -5.75 0.19 5.33
N LEU A 23 -5.30 0.68 4.16
CA LEU A 23 -4.00 0.36 3.57
C LEU A 23 -3.94 -1.16 3.42
N SER A 24 -2.96 -1.84 3.99
CA SER A 24 -2.90 -3.30 3.91
C SER A 24 -3.50 -3.98 5.12
N SER A 25 -4.17 -3.23 6.00
CA SER A 25 -4.69 -3.78 7.26
C SER A 25 -6.18 -3.53 7.39
N HIS A 26 -6.68 -3.50 8.62
CA HIS A 26 -8.09 -3.25 8.89
C HIS A 26 -8.22 -2.56 10.24
N ILE A 27 -9.32 -1.82 10.40
CA ILE A 27 -9.72 -1.26 11.68
C ILE A 27 -11.24 -1.31 11.77
N SER A 28 -11.77 -0.92 12.93
CA SER A 28 -13.21 -0.93 13.18
C SER A 28 -13.81 0.45 12.95
N ALA A 29 -14.99 0.48 12.32
CA ALA A 29 -15.67 1.73 12.06
C ALA A 29 -17.10 1.65 12.57
N PHE A 30 -17.53 2.66 13.31
CA PHE A 30 -18.90 2.77 13.79
C PHE A 30 -19.45 4.05 13.18
N LEU A 31 -20.27 3.90 12.14
CA LEU A 31 -20.72 5.02 11.32
C LEU A 31 -22.18 5.33 11.64
N GLY A 32 -22.47 6.61 11.82
CA GLY A 32 -23.84 7.07 12.00
C GLY A 32 -24.47 6.72 13.33
N ILE A 33 -23.71 6.78 14.41
CA ILE A 33 -24.27 6.61 15.75
C ILE A 33 -25.05 7.88 16.11
N PRO A 34 -26.29 7.77 16.58
CA PRO A 34 -27.03 8.98 16.93
C PRO A 34 -26.64 9.49 18.30
N PHE A 35 -26.51 10.82 18.42
CA PHE A 35 -26.20 11.40 19.71
C PHE A 35 -27.25 12.38 20.19
N ALA A 36 -28.24 12.67 19.36
CA ALA A 36 -29.31 13.59 19.72
C ALA A 36 -30.61 13.06 19.15
N GLU A 37 -31.72 13.52 19.71
CA GLU A 37 -33.01 13.29 19.07
C GLU A 37 -33.04 14.04 17.75
N PRO A 38 -33.66 13.48 16.70
CA PRO A 38 -33.78 14.22 15.43
C PRO A 38 -34.40 15.58 15.66
N PRO A 39 -33.71 16.67 15.27
CA PRO A 39 -34.25 18.02 15.49
C PRO A 39 -35.24 18.42 14.41
N VAL A 40 -36.32 17.65 14.27
CA VAL A 40 -37.25 17.82 13.17
C VAL A 40 -38.59 18.34 13.70
N GLY A 41 -39.38 18.87 12.78
CA GLY A 41 -40.72 19.34 13.13
C GLY A 41 -40.66 20.49 14.11
N ASN A 42 -41.40 20.35 15.22
CA ASN A 42 -41.39 21.37 16.26
C ASN A 42 -40.04 21.54 16.92
N MET A 43 -39.09 20.62 16.69
CA MET A 43 -37.78 20.78 17.28
C MET A 43 -36.79 21.52 16.37
N ARG A 44 -37.22 21.88 15.16
CA ARG A 44 -36.40 22.75 14.33
C ARG A 44 -36.13 24.06 15.05
N PHE A 45 -34.86 24.48 15.06
CA PHE A 45 -34.28 25.66 15.70
C PHE A 45 -34.09 25.48 17.19
N ARG A 46 -34.59 24.41 17.79
CA ARG A 46 -34.50 24.24 19.24
CA ARG A 46 -34.48 24.28 19.24
C ARG A 46 -33.15 23.66 19.63
N ARG A 47 -32.78 23.87 20.89
CA ARG A 47 -31.60 23.21 21.43
C ARG A 47 -31.76 21.69 21.25
N PRO A 48 -30.66 20.98 21.05
CA PRO A 48 -30.78 19.52 20.90
C PRO A 48 -31.15 18.87 22.22
N GLU A 49 -31.79 17.73 22.11
CA GLU A 49 -32.14 16.86 23.24
C GLU A 49 -31.39 15.54 23.09
N PRO A 50 -30.91 14.95 24.20
CA PRO A 50 -30.16 13.70 24.10
C PRO A 50 -30.99 12.63 23.40
N LYS A 51 -30.30 11.77 22.66
CA LYS A 51 -30.97 10.67 21.97
C LYS A 51 -31.52 9.70 23.02
N LYS A 52 -32.82 9.39 22.91
CA LYS A 52 -33.42 8.44 23.84
C LYS A 52 -32.83 7.05 23.59
N PRO A 53 -32.56 6.28 24.65
CA PRO A 53 -32.03 4.93 24.46
C PRO A 53 -32.93 4.06 23.61
N TRP A 54 -32.30 3.17 22.84
CA TRP A 54 -33.00 2.26 21.95
C TRP A 54 -32.74 0.83 22.41
N SER A 55 -33.67 -0.06 22.07
CA SER A 55 -33.42 -1.48 22.28
C SER A 55 -32.88 -2.07 20.98
N GLY A 56 -32.39 -3.29 21.06
CA GLY A 56 -31.79 -3.89 19.90
C GLY A 56 -30.45 -3.24 19.56
N VAL A 57 -29.96 -3.57 18.37
CA VAL A 57 -28.61 -3.21 17.95
C VAL A 57 -28.70 -2.16 16.86
N TRP A 58 -28.15 -0.98 17.14
CA TRP A 58 -28.07 0.06 16.11
C TRP A 58 -27.07 -0.36 15.05
N ASN A 59 -27.54 -0.38 13.80
CA ASN A 59 -26.68 -0.70 12.66
C ASN A 59 -25.80 0.50 12.36
N ALA A 60 -24.54 0.42 12.79
CA ALA A 60 -23.57 1.49 12.61
C ALA A 60 -22.58 1.16 11.49
N SER A 61 -23.06 0.55 10.41
CA SER A 61 -22.20 0.14 9.32
C SER A 61 -22.16 1.14 8.17
N THR A 62 -22.99 2.17 8.22
CA THR A 62 -23.28 3.02 7.08
C THR A 62 -23.20 4.49 7.50
N TYR A 63 -22.62 5.34 6.65
CA TYR A 63 -22.61 6.77 6.93
C TYR A 63 -24.05 7.29 7.09
N PRO A 64 -24.27 8.26 7.97
CA PRO A 64 -25.60 8.86 8.13
C PRO A 64 -25.91 9.87 7.03
N ASN A 65 -27.13 10.38 7.07
CA ASN A 65 -27.50 11.55 6.28
C ASN A 65 -26.62 12.75 6.66
N ASN A 66 -26.56 13.72 5.74
CA ASN A 66 -25.92 15.01 5.99
C ASN A 66 -26.99 16.04 6.37
N CYS A 67 -26.58 17.08 7.11
CA CYS A 67 -27.55 18.10 7.45
C CYS A 67 -27.95 18.90 6.22
N GLN A 68 -29.11 19.56 6.30
CA GLN A 68 -29.61 20.33 5.17
C GLN A 68 -28.73 21.57 4.97
N GLN A 69 -28.37 21.84 3.72
CA GLN A 69 -27.43 22.90 3.43
C GLN A 69 -27.50 23.31 1.96
N TYR A 70 -27.05 24.54 1.71
CA TYR A 70 -26.73 24.97 0.36
C TYR A 70 -25.77 23.99 -0.30
N VAL A 71 -26.05 23.63 -1.55
CA VAL A 71 -25.20 22.73 -2.32
C VAL A 71 -24.56 23.53 -3.45
N ASP A 72 -23.24 23.44 -3.58
CA ASP A 72 -22.50 24.23 -4.56
C ASP A 72 -22.62 23.61 -5.94
N GLU A 73 -23.17 24.35 -6.90
CA GLU A 73 -23.33 23.88 -8.27
CA GLU A 73 -23.30 23.85 -8.28
C GLU A 73 -22.56 24.74 -9.27
N GLN A 74 -21.55 25.49 -8.81
CA GLN A 74 -20.82 26.37 -9.72
C GLN A 74 -20.11 25.58 -10.80
N PHE A 75 -19.41 24.51 -10.43
CA PHE A 75 -18.67 23.66 -11.36
C PHE A 75 -19.23 22.24 -11.27
N PRO A 76 -20.36 21.98 -11.91
CA PRO A 76 -20.99 20.66 -11.77
C PRO A 76 -20.07 19.54 -12.22
N GLY A 77 -19.93 18.52 -11.36
CA GLY A 77 -19.09 17.39 -11.67
C GLY A 77 -17.60 17.59 -11.46
N PHE A 78 -17.16 18.81 -11.15
CA PHE A 78 -15.75 19.09 -10.92
C PHE A 78 -15.33 18.58 -9.54
N SER A 79 -14.31 17.73 -9.50
CA SER A 79 -13.97 17.06 -8.24
C SER A 79 -13.55 18.06 -7.17
N GLY A 80 -12.94 19.18 -7.58
CA GLY A 80 -12.41 20.13 -6.61
C GLY A 80 -13.47 20.81 -5.79
N SER A 81 -14.66 21.01 -6.37
CA SER A 81 -15.79 21.56 -5.64
C SER A 81 -16.72 20.47 -5.12
N GLU A 82 -16.93 19.40 -5.91
CA GLU A 82 -17.83 18.34 -5.48
C GLU A 82 -17.34 17.63 -4.22
N MET A 83 -16.02 17.56 -4.02
CA MET A 83 -15.48 16.87 -2.84
C MET A 83 -15.96 17.48 -1.53
N TRP A 84 -16.50 18.69 -1.56
CA TRP A 84 -16.97 19.36 -0.35
C TRP A 84 -18.49 19.29 -0.18
N ASN A 85 -19.21 18.89 -1.23
CA ASN A 85 -20.66 18.83 -1.17
C ASN A 85 -21.11 17.58 -0.42
N PRO A 86 -22.34 17.57 0.07
CA PRO A 86 -22.86 16.36 0.72
C PRO A 86 -22.76 15.16 -0.20
N ASN A 87 -22.25 14.05 0.33
CA ASN A 87 -22.18 12.81 -0.44
C ASN A 87 -23.19 11.80 0.05
N ARG A 88 -24.10 12.23 0.91
CA ARG A 88 -25.19 11.41 1.38
CA ARG A 88 -25.20 11.43 1.42
C ARG A 88 -26.47 12.23 1.25
N GLU A 89 -27.62 11.56 1.39
CA GLU A 89 -28.88 12.28 1.36
C GLU A 89 -28.89 13.34 2.46
N MET A 90 -29.43 14.51 2.15
CA MET A 90 -29.60 15.56 3.14
C MET A 90 -30.92 15.39 3.90
N SER A 91 -30.88 15.67 5.20
CA SER A 91 -32.05 15.51 6.05
C SER A 91 -31.85 16.33 7.31
N GLU A 92 -32.96 16.86 7.84
CA GLU A 92 -32.84 17.47 9.16
C GLU A 92 -32.53 16.44 10.23
N ASP A 93 -32.81 15.17 9.94
CA ASP A 93 -32.42 14.06 10.80
C ASP A 93 -30.96 13.75 10.48
N CYS A 94 -30.05 14.54 11.10
CA CYS A 94 -28.64 14.46 10.71
C CYS A 94 -27.68 14.52 11.91
N LEU A 95 -28.15 14.35 13.13
CA LEU A 95 -27.26 14.50 14.29
C LEU A 95 -26.69 13.13 14.66
N TYR A 96 -25.58 12.80 14.01
CA TYR A 96 -24.91 11.51 14.15
C TYR A 96 -23.42 11.73 14.24
N LEU A 97 -22.70 10.75 14.79
CA LEU A 97 -21.25 10.82 14.81
C LEU A 97 -20.68 9.49 14.32
N ASN A 98 -19.41 9.52 13.94
CA ASN A 98 -18.71 8.37 13.40
C ASN A 98 -17.43 8.14 14.19
N ILE A 99 -17.05 6.87 14.36
CA ILE A 99 -15.89 6.52 15.17
C ILE A 99 -15.05 5.48 14.44
N TRP A 100 -13.76 5.76 14.27
CA TRP A 100 -12.81 4.76 13.80
C TRP A 100 -11.96 4.32 15.00
N VAL A 101 -11.84 3.01 15.19
CA VAL A 101 -11.20 2.42 16.35
C VAL A 101 -10.10 1.47 15.88
N PRO A 102 -8.85 1.63 16.32
CA PRO A 102 -7.80 0.69 15.94
C PRO A 102 -8.18 -0.75 16.32
N SER A 103 -7.75 -1.69 15.48
CA SER A 103 -7.94 -3.11 15.70
C SER A 103 -6.60 -3.78 15.94
N PRO A 104 -6.37 -4.45 17.08
CA PRO A 104 -7.37 -4.69 18.13
C PRO A 104 -7.70 -3.43 18.94
N ARG A 105 -8.86 -3.41 19.57
CA ARG A 105 -9.29 -2.23 20.30
C ARG A 105 -8.31 -1.89 21.43
N PRO A 106 -7.74 -0.69 21.47
CA PRO A 106 -6.83 -0.34 22.55
C PRO A 106 -7.57 -0.26 23.88
N LYS A 107 -6.78 -0.19 24.95
CA LYS A 107 -7.37 -0.19 26.29
C LYS A 107 -7.96 1.17 26.63
N SER A 108 -7.14 2.22 26.54
CA SER A 108 -7.59 3.57 26.88
C SER A 108 -6.70 4.60 26.17
N THR A 109 -6.98 4.87 24.90
CA THR A 109 -6.08 5.67 24.08
C THR A 109 -6.64 7.07 23.84
N THR A 110 -5.76 7.93 23.31
CA THR A 110 -6.10 9.29 22.96
C THR A 110 -7.26 9.34 21.97
N VAL A 111 -8.17 10.30 22.19
CA VAL A 111 -9.32 10.53 21.32
C VAL A 111 -9.13 11.86 20.61
N MET A 112 -9.45 11.90 19.32
CA MET A 112 -9.49 13.14 18.55
C MET A 112 -10.86 13.26 17.91
N VAL A 113 -11.51 14.40 18.11
CA VAL A 113 -12.88 14.62 17.63
C VAL A 113 -12.83 15.71 16.56
N TRP A 114 -13.15 15.35 15.33
CA TRP A 114 -13.13 16.29 14.20
C TRP A 114 -14.43 17.07 14.11
N ILE A 115 -14.32 18.39 13.95
CA ILE A 115 -15.48 19.27 13.76
C ILE A 115 -15.35 19.90 12.39
N TYR A 116 -16.24 19.56 11.46
CA TYR A 116 -16.10 20.08 10.10
C TYR A 116 -16.37 21.58 10.04
N GLY A 117 -15.75 22.23 9.07
CA GLY A 117 -16.02 23.61 8.76
C GLY A 117 -16.97 23.74 7.59
N GLY A 118 -17.06 24.95 7.05
CA GLY A 118 -18.04 25.25 6.02
C GLY A 118 -18.83 26.51 6.30
N GLY A 119 -18.21 27.49 6.95
CA GLY A 119 -18.85 28.79 7.12
C GLY A 119 -20.07 28.80 8.02
N PHE A 120 -20.29 27.74 8.78
CA PHE A 120 -21.51 27.51 9.55
C PHE A 120 -22.76 27.35 8.66
N TYR A 121 -22.61 27.30 7.33
CA TYR A 121 -23.75 27.10 6.43
C TYR A 121 -23.71 25.77 5.68
N SER A 122 -22.61 25.03 5.79
CA SER A 122 -22.43 23.80 5.03
C SER A 122 -21.44 22.91 5.78
N GLY A 123 -21.24 21.71 5.27
CA GLY A 123 -20.29 20.80 5.88
C GLY A 123 -20.96 19.45 6.15
N SER A 124 -20.17 18.39 6.09
CA SER A 124 -20.64 17.04 6.33
C SER A 124 -19.55 16.26 7.02
N SER A 125 -19.93 15.38 7.95
CA SER A 125 -18.94 14.50 8.56
C SER A 125 -18.44 13.41 7.63
N THR A 126 -19.11 13.20 6.50
CA THR A 126 -18.97 12.00 5.68
C THR A 126 -18.11 12.20 4.44
N LEU A 127 -17.55 13.39 4.25
CA LEU A 127 -16.72 13.63 3.09
C LEU A 127 -15.57 12.64 3.04
N ASP A 128 -15.18 12.27 1.82
CA ASP A 128 -14.00 11.42 1.64
C ASP A 128 -12.78 11.99 2.36
N VAL A 129 -12.62 13.31 2.33
CA VAL A 129 -11.42 13.92 2.90
C VAL A 129 -11.43 13.92 4.43
N TYR A 130 -12.56 13.59 5.07
CA TYR A 130 -12.62 13.44 6.52
C TYR A 130 -12.63 11.99 6.96
N ASN A 131 -12.31 11.06 6.07
CA ASN A 131 -12.28 9.64 6.42
C ASN A 131 -11.25 9.40 7.51
N GLY A 132 -11.71 9.02 8.70
CA GLY A 132 -10.82 8.90 9.82
C GLY A 132 -9.91 7.69 9.88
N LYS A 133 -9.99 6.78 8.91
CA LYS A 133 -9.35 5.48 9.09
C LYS A 133 -7.83 5.56 9.00
N TYR A 134 -7.28 6.43 8.17
CA TYR A 134 -5.82 6.52 8.07
C TYR A 134 -5.21 7.09 9.33
N LEU A 135 -5.83 8.12 9.91
CA LEU A 135 -5.30 8.73 11.12
C LEU A 135 -5.44 7.80 12.32
N ALA A 136 -6.61 7.18 12.48
CA ALA A 136 -6.81 6.22 13.56
C ALA A 136 -5.83 5.06 13.46
N TYR A 137 -5.69 4.50 12.25
CA TYR A 137 -4.78 3.37 12.06
C TYR A 137 -3.34 3.77 12.28
N THR A 138 -2.89 4.82 11.56
CA THR A 138 -1.47 5.17 11.57
C THR A 138 -1.00 5.61 12.94
N GLU A 139 -1.82 6.39 13.65
CA GLU A 139 -1.40 6.97 14.91
C GLU A 139 -2.03 6.31 16.13
N GLU A 140 -2.81 5.24 15.95
CA GLU A 140 -3.37 4.49 17.08
C GLU A 140 -4.21 5.40 17.99
N VAL A 141 -5.09 6.18 17.37
CA VAL A 141 -6.02 7.01 18.12
C VAL A 141 -7.42 6.57 17.78
N VAL A 142 -8.36 6.92 18.66
CA VAL A 142 -9.78 6.77 18.37
C VAL A 142 -10.25 8.07 17.74
N LEU A 143 -10.71 8.01 16.50
CA LEU A 143 -11.07 9.19 15.73
C LEU A 143 -12.57 9.28 15.62
N VAL A 144 -13.14 10.35 16.18
CA VAL A 144 -14.56 10.66 16.12
C VAL A 144 -14.73 11.82 15.15
N SER A 145 -15.76 11.76 14.31
CA SER A 145 -16.21 12.96 13.61
C SER A 145 -17.65 13.21 13.99
N LEU A 146 -17.96 14.43 14.42
CA LEU A 146 -19.32 14.73 14.82
C LEU A 146 -20.04 15.43 13.67
N SER A 147 -21.30 15.79 13.90
CA SER A 147 -22.04 16.62 12.98
C SER A 147 -22.80 17.65 13.80
N TYR A 148 -23.27 18.69 13.12
CA TYR A 148 -24.03 19.73 13.78
C TYR A 148 -24.85 20.46 12.73
N ARG A 149 -26.00 20.97 13.15
CA ARG A 149 -26.86 21.71 12.23
C ARG A 149 -26.16 22.98 11.75
N VAL A 150 -26.32 23.27 10.45
CA VAL A 150 -25.74 24.45 9.83
C VAL A 150 -26.85 25.31 9.25
N GLY A 151 -26.48 26.51 8.78
CA GLY A 151 -27.45 27.42 8.22
C GLY A 151 -28.45 27.89 9.26
N ALA A 152 -29.64 28.26 8.79
CA ALA A 152 -30.70 28.68 9.71
C ALA A 152 -31.05 27.56 10.69
N PHE A 153 -30.97 26.31 10.24
CA PHE A 153 -31.32 25.19 11.10
C PHE A 153 -30.46 25.15 12.36
N GLY A 154 -29.21 25.58 12.25
CA GLY A 154 -28.31 25.55 13.38
C GLY A 154 -28.12 26.89 14.06
N PHE A 155 -28.46 28.00 13.39
CA PHE A 155 -27.99 29.27 13.91
C PHE A 155 -28.98 30.42 13.77
N LEU A 156 -30.21 30.18 13.32
CA LEU A 156 -31.25 31.19 13.43
C LEU A 156 -31.37 31.61 14.89
N ALA A 157 -31.27 32.92 15.16
CA ALA A 157 -31.13 33.40 16.53
C ALA A 157 -32.15 34.49 16.79
N LEU A 158 -33.16 34.17 17.61
CA LEU A 158 -34.13 35.13 18.10
C LEU A 158 -33.94 35.20 19.61
N HIS A 159 -32.90 35.93 20.03
CA HIS A 159 -32.50 35.92 21.43
C HIS A 159 -33.66 36.34 22.33
N GLY A 160 -33.87 35.57 23.41
CA GLY A 160 -35.01 35.73 24.27
C GLY A 160 -36.07 34.69 24.04
N SER A 161 -36.17 34.16 22.83
CA SER A 161 -36.99 32.99 22.56
C SER A 161 -36.26 31.74 23.02
N GLN A 162 -36.99 30.84 23.68
CA GLN A 162 -36.43 29.52 23.96
C GLN A 162 -36.70 28.55 22.82
N GLU A 163 -37.46 28.97 21.82
CA GLU A 163 -37.77 28.12 20.68
C GLU A 163 -36.74 28.22 19.57
N ALA A 164 -36.15 29.41 19.37
CA ALA A 164 -35.04 29.60 18.45
C ALA A 164 -34.03 30.51 19.11
N PRO A 165 -33.28 30.00 20.10
CA PRO A 165 -32.40 30.87 20.88
C PRO A 165 -31.13 31.28 20.16
N GLY A 166 -30.73 30.55 19.12
CA GLY A 166 -29.42 30.71 18.53
C GLY A 166 -28.41 29.72 19.10
N ASN A 167 -27.27 29.61 18.42
CA ASN A 167 -26.17 28.74 18.78
C ASN A 167 -26.52 27.26 18.90
N VAL A 168 -27.67 26.82 18.37
CA VAL A 168 -28.02 25.41 18.63
C VAL A 168 -27.07 24.47 17.87
N GLY A 169 -26.48 24.91 16.76
CA GLY A 169 -25.45 24.09 16.13
C GLY A 169 -24.23 23.90 17.02
N LEU A 170 -23.87 24.91 17.80
CA LEU A 170 -22.78 24.74 18.75
C LEU A 170 -23.19 23.78 19.87
N LEU A 171 -24.45 23.81 20.28
CA LEU A 171 -24.92 22.89 21.31
C LEU A 171 -25.02 21.46 20.77
N ASP A 172 -25.33 21.30 19.47
CA ASP A 172 -25.17 19.98 18.84
C ASP A 172 -23.76 19.48 19.01
N GLN A 173 -22.77 20.32 18.71
CA GLN A 173 -21.38 19.89 18.88
C GLN A 173 -21.11 19.50 20.33
N ARG A 174 -21.59 20.32 21.27
CA ARG A 174 -21.34 20.05 22.68
C ARG A 174 -22.01 18.75 23.11
N MET A 175 -23.18 18.46 22.56
CA MET A 175 -23.84 17.22 22.95
C MET A 175 -23.10 16.00 22.42
N ALA A 176 -22.53 16.10 21.22
CA ALA A 176 -21.67 15.02 20.75
C ALA A 176 -20.43 14.89 21.63
N LEU A 177 -19.83 16.02 22.04
CA LEU A 177 -18.72 15.97 22.99
C LEU A 177 -19.15 15.31 24.31
N GLN A 178 -20.35 15.65 24.79
CA GLN A 178 -20.88 15.00 25.99
C GLN A 178 -21.05 13.50 25.78
N TRP A 179 -21.50 13.10 24.57
CA TRP A 179 -21.63 11.68 24.28
C TRP A 179 -20.27 10.99 24.29
N VAL A 180 -19.26 11.63 23.69
CA VAL A 180 -17.90 11.09 23.71
C VAL A 180 -17.42 10.94 25.14
N HIS A 181 -17.63 11.97 25.96
CA HIS A 181 -17.26 11.93 27.38
C HIS A 181 -17.89 10.73 28.08
N ASP A 182 -19.16 10.46 27.78
CA ASP A 182 -19.93 9.42 28.45
C ASP A 182 -19.67 8.02 27.90
N ASN A 183 -19.24 7.89 26.65
CA ASN A 183 -19.26 6.61 25.96
C ASN A 183 -17.95 6.17 25.33
N ILE A 184 -17.01 7.07 25.07
CA ILE A 184 -15.85 6.66 24.29
C ILE A 184 -15.03 5.60 25.02
N GLN A 185 -15.14 5.51 26.35
CA GLN A 185 -14.42 4.46 27.08
C GLN A 185 -14.85 3.06 26.61
N PHE A 186 -16.07 2.92 26.10
CA PHE A 186 -16.53 1.61 25.64
C PHE A 186 -15.91 1.24 24.30
N PHE A 187 -15.33 2.22 23.60
CA PHE A 187 -14.64 1.99 22.33
C PHE A 187 -13.13 2.01 22.49
N GLY A 188 -12.63 2.00 23.72
CA GLY A 188 -11.20 2.04 23.95
C GLY A 188 -10.59 3.42 23.94
N GLY A 189 -11.38 4.46 24.12
CA GLY A 189 -10.88 5.82 24.18
C GLY A 189 -10.86 6.35 25.60
N ASP A 190 -9.89 7.23 25.88
CA ASP A 190 -9.78 7.83 27.19
C ASP A 190 -10.55 9.14 27.19
N PRO A 191 -11.67 9.24 27.92
CA PRO A 191 -12.44 10.49 27.94
C PRO A 191 -11.72 11.65 28.61
N LYS A 192 -10.61 11.40 29.31
CA LYS A 192 -9.80 12.46 29.90
C LYS A 192 -8.74 12.99 28.95
N THR A 193 -8.58 12.38 27.78
CA THR A 193 -7.57 12.81 26.81
C THR A 193 -8.24 12.95 25.43
N VAL A 194 -9.21 13.86 25.36
CA VAL A 194 -9.93 14.17 24.12
C VAL A 194 -9.39 15.47 23.55
N THR A 195 -8.93 15.43 22.31
CA THR A 195 -8.57 16.63 21.57
C THR A 195 -9.67 16.92 20.55
N ILE A 196 -10.19 18.13 20.58
CA ILE A 196 -11.08 18.55 19.52
C ILE A 196 -10.25 19.29 18.49
N PHE A 197 -10.53 19.02 17.20
CA PHE A 197 -9.86 19.72 16.12
C PHE A 197 -10.84 19.98 14.99
N GLY A 198 -10.60 21.05 14.25
CA GLY A 198 -11.50 21.43 13.18
C GLY A 198 -10.87 22.51 12.33
N GLU A 199 -11.42 22.66 11.12
CA GLU A 199 -10.93 23.62 10.14
C GLU A 199 -12.02 24.64 9.81
N SER A 200 -11.60 25.89 9.53
CA SER A 200 -12.51 26.95 9.12
C SER A 200 -13.56 27.13 10.21
N ALA A 201 -14.86 27.02 9.93
CA ALA A 201 -15.87 27.17 10.98
C ALA A 201 -15.68 26.13 12.07
N GLY A 202 -15.11 24.96 11.73
CA GLY A 202 -14.79 23.98 12.76
C GLY A 202 -13.69 24.47 13.68
N GLY A 203 -12.68 25.14 13.12
CA GLY A 203 -11.65 25.76 13.95
C GLY A 203 -12.19 26.87 14.84
N ALA A 204 -13.03 27.74 14.27
CA ALA A 204 -13.71 28.73 15.10
C ALA A 204 -14.52 28.07 16.20
N SER A 205 -15.24 27.00 15.86
CA SER A 205 -16.02 26.26 16.85
C SER A 205 -15.14 25.74 17.97
N VAL A 206 -14.00 25.15 17.62
CA VAL A 206 -13.08 24.65 18.65
C VAL A 206 -12.72 25.77 19.61
N GLY A 207 -12.41 26.96 19.07
CA GLY A 207 -12.11 28.09 19.93
C GLY A 207 -13.30 28.51 20.76
N MET A 208 -14.51 28.36 20.22
CA MET A 208 -15.70 28.75 20.97
C MET A 208 -15.93 27.82 22.15
N HIS A 209 -15.60 26.53 21.99
CA HIS A 209 -15.69 25.60 23.12
C HIS A 209 -14.61 25.87 24.15
N ILE A 210 -13.44 26.35 23.71
CA ILE A 210 -12.45 26.83 24.66
C ILE A 210 -13.03 27.96 25.50
N LEU A 211 -13.72 28.89 24.85
CA LEU A 211 -14.28 30.04 25.55
C LEU A 211 -15.46 29.64 26.44
N SER A 212 -16.37 28.82 25.91
CA SER A 212 -17.66 28.62 26.56
C SER A 212 -17.53 27.79 27.84
N PRO A 213 -17.96 28.31 28.99
CA PRO A 213 -17.85 27.52 30.24
C PRO A 213 -18.56 26.18 30.18
N GLY A 214 -19.71 26.11 29.49
CA GLY A 214 -20.46 24.88 29.37
C GLY A 214 -19.81 23.81 28.51
N SER A 215 -18.70 24.12 27.83
CA SER A 215 -18.00 23.16 26.99
C SER A 215 -16.65 22.74 27.54
N ARG A 216 -16.07 23.51 28.46
CA ARG A 216 -14.64 23.38 28.73
C ARG A 216 -14.27 22.03 29.33
N ASP A 217 -15.17 21.43 30.11
CA ASP A 217 -14.80 20.18 30.77
C ASP A 217 -15.02 18.96 29.90
N LEU A 218 -15.41 19.15 28.64
CA LEU A 218 -15.70 18.03 27.75
C LEU A 218 -14.57 17.73 26.77
N PHE A 219 -13.39 18.30 26.99
CA PHE A 219 -12.23 17.97 26.16
C PHE A 219 -10.98 18.43 26.92
N ARG A 220 -9.85 17.90 26.51
CA ARG A 220 -8.55 18.13 27.14
C ARG A 220 -7.76 19.26 26.48
N ARG A 221 -7.65 19.24 25.16
CA ARG A 221 -6.86 20.24 24.42
C ARG A 221 -7.44 20.38 23.01
N ALA A 222 -6.85 21.27 22.22
CA ALA A 222 -7.55 21.75 21.03
C ALA A 222 -6.60 22.05 19.89
N ILE A 223 -7.06 21.81 18.66
CA ILE A 223 -6.35 22.15 17.43
C ILE A 223 -7.28 22.99 16.55
N LEU A 224 -6.78 24.12 16.05
CA LEU A 224 -7.57 25.04 15.25
C LEU A 224 -6.88 25.25 13.91
N GLN A 225 -7.56 24.92 12.82
CA GLN A 225 -7.00 25.00 11.47
C GLN A 225 -7.75 26.08 10.69
N SER A 226 -7.05 27.17 10.34
CA SER A 226 -7.61 28.23 9.51
C SER A 226 -8.96 28.71 10.04
N GLY A 227 -9.01 28.93 11.34
CA GLY A 227 -10.20 29.54 11.92
C GLY A 227 -10.02 29.79 13.39
N SER A 228 -10.69 30.81 13.91
CA SER A 228 -10.59 31.13 15.32
C SER A 228 -11.88 31.79 15.73
N PRO A 229 -12.22 31.79 17.02
CA PRO A 229 -13.55 32.23 17.45
C PRO A 229 -13.84 33.68 17.15
N ASN A 230 -12.79 34.52 17.09
CA ASN A 230 -12.92 35.95 16.88
C ASN A 230 -12.94 36.36 15.40
N CYS A 231 -12.97 35.40 14.48
CA CYS A 231 -13.00 35.74 13.05
C CYS A 231 -14.22 36.61 12.73
N PRO A 232 -14.09 37.56 11.79
CA PRO A 232 -15.16 38.54 11.59
C PRO A 232 -16.41 37.92 11.00
N TRP A 233 -16.30 36.76 10.39
CA TRP A 233 -17.41 36.03 9.80
C TRP A 233 -18.04 35.04 10.78
N ALA A 234 -17.44 34.82 11.95
CA ALA A 234 -17.79 33.67 12.76
C ALA A 234 -18.85 33.95 13.82
N SER A 235 -19.21 35.21 14.05
CA SER A 235 -20.29 35.49 14.99
C SER A 235 -20.96 36.79 14.63
N VAL A 236 -22.17 36.99 15.18
CA VAL A 236 -22.91 38.24 15.06
C VAL A 236 -23.44 38.60 16.44
N SER A 237 -23.87 39.85 16.58
CA SER A 237 -24.54 40.29 17.81
C SER A 237 -25.96 39.73 17.86
N VAL A 238 -26.59 39.81 19.04
CA VAL A 238 -27.97 39.34 19.14
C VAL A 238 -28.88 40.21 18.28
N ALA A 239 -28.58 41.50 18.17
CA ALA A 239 -29.39 42.37 17.32
C ALA A 239 -29.28 41.98 15.86
N GLU A 240 -28.06 41.69 15.39
CA GLU A 240 -27.88 41.34 13.99
C GLU A 240 -28.46 39.97 13.68
N GLY A 241 -28.27 39.00 14.59
CA GLY A 241 -28.93 37.72 14.40
C GLY A 241 -30.44 37.87 14.33
N ARG A 242 -31.00 38.72 15.20
CA ARG A 242 -32.45 38.94 15.18
C ARG A 242 -32.87 39.59 13.86
N ARG A 243 -32.09 40.57 13.38
CA ARG A 243 -32.42 41.20 12.11
C ARG A 243 -32.41 40.19 10.97
N ARG A 244 -31.42 39.31 10.94
CA ARG A 244 -31.36 38.33 9.85
C ARG A 244 -32.48 37.31 9.94
N ALA A 245 -32.91 36.95 11.15
CA ALA A 245 -34.02 36.00 11.28
C ALA A 245 -35.33 36.62 10.84
N VAL A 246 -35.58 37.87 11.24
CA VAL A 246 -36.76 38.59 10.78
C VAL A 246 -36.76 38.72 9.25
N GLU A 247 -35.60 39.07 8.67
CA GLU A 247 -35.50 39.20 7.21
C GLU A 247 -35.67 37.86 6.50
N LEU A 248 -35.27 36.75 7.13
CA LEU A 248 -35.55 35.45 6.55
C LEU A 248 -37.06 35.22 6.46
N GLY A 249 -37.78 35.54 7.53
CA GLY A 249 -39.22 35.44 7.50
C GLY A 249 -39.84 36.36 6.45
N ARG A 250 -39.30 37.57 6.33
CA ARG A 250 -39.81 38.52 5.34
C ARG A 250 -39.65 37.96 3.93
N ASN A 251 -38.51 37.33 3.65
CA ASN A 251 -38.31 36.71 2.33
C ASN A 251 -39.31 35.59 2.07
N LEU A 252 -39.89 35.01 3.11
CA LEU A 252 -40.79 33.88 2.96
C LEU A 252 -42.24 34.23 3.32
N ASN A 253 -42.57 35.53 3.32
CA ASN A 253 -43.94 36.00 3.58
C ASN A 253 -44.44 35.52 4.94
N CYS A 254 -43.57 35.57 5.94
CA CYS A 254 -43.93 35.12 7.28
C CYS A 254 -44.56 36.25 8.09
N ASN A 255 -45.46 35.89 8.98
CA ASN A 255 -45.93 36.80 10.01
C ASN A 255 -44.74 37.23 10.88
N LEU A 256 -44.52 38.54 11.00
CA LEU A 256 -43.36 39.06 11.71
C LEU A 256 -43.71 39.69 13.06
N ASN A 257 -44.98 39.60 13.49
CA ASN A 257 -45.42 40.34 14.67
C ASN A 257 -44.76 39.86 15.95
N SER A 258 -44.35 38.59 16.02
CA SER A 258 -43.78 38.05 17.24
C SER A 258 -42.87 36.88 16.92
N ASP A 259 -41.94 36.62 17.85
CA ASP A 259 -41.05 35.47 17.72
C ASP A 259 -41.84 34.18 17.51
N GLU A 260 -42.85 33.94 18.35
CA GLU A 260 -43.63 32.70 18.22
C GLU A 260 -44.29 32.58 16.85
N GLU A 261 -44.87 33.68 16.35
CA GLU A 261 -45.53 33.63 15.05
C GLU A 261 -44.50 33.49 13.93
N LEU A 262 -43.36 34.17 14.04
CA LEU A 262 -42.29 34.03 13.05
C LEU A 262 -41.76 32.61 13.04
N ILE A 263 -41.45 32.08 14.23
CA ILE A 263 -40.91 30.73 14.33
C ILE A 263 -41.92 29.70 13.82
N HIS A 264 -43.20 29.86 14.19
CA HIS A 264 -44.22 28.93 13.69
C HIS A 264 -44.24 28.92 12.17
N CYS A 265 -44.13 30.11 11.56
CA CYS A 265 -44.10 30.19 10.10
C CYS A 265 -42.90 29.46 9.53
N LEU A 266 -41.70 29.73 10.07
CA LEU A 266 -40.50 29.12 9.53
C LEU A 266 -40.49 27.61 9.70
N ARG A 267 -41.13 27.10 10.77
CA ARG A 267 -41.17 25.65 10.95
C ARG A 267 -42.08 24.96 9.95
N GLU A 268 -42.99 25.70 9.30
CA GLU A 268 -43.85 25.10 8.29
C GLU A 268 -43.16 24.98 6.93
N LYS A 269 -42.10 25.73 6.70
CA LYS A 269 -41.43 25.70 5.41
C LYS A 269 -40.62 24.41 5.25
N LYS A 270 -40.51 23.96 4.01
CA LYS A 270 -39.61 22.87 3.72
C LYS A 270 -38.16 23.37 3.79
N PRO A 271 -37.21 22.49 4.15
CA PRO A 271 -35.82 22.95 4.32
C PRO A 271 -35.25 23.74 3.14
N GLN A 272 -35.47 23.25 1.91
CA GLN A 272 -34.94 23.95 0.75
C GLN A 272 -35.55 25.33 0.57
N GLU A 273 -36.74 25.57 1.11
CA GLU A 273 -37.32 26.91 1.03
C GLU A 273 -36.50 27.89 1.84
N LEU A 274 -36.01 27.47 3.02
CA LEU A 274 -35.13 28.33 3.81
C LEU A 274 -33.81 28.54 3.11
N ILE A 275 -33.22 27.45 2.62
CA ILE A 275 -31.90 27.53 1.99
C ILE A 275 -31.94 28.45 0.77
N ASP A 276 -33.04 28.40 0.00
CA ASP A 276 -33.11 29.17 -1.24
C ASP A 276 -33.00 30.67 -1.00
N VAL A 277 -33.37 31.16 0.19
CA VAL A 277 -33.33 32.59 0.48
C VAL A 277 -32.28 32.92 1.53
N GLU A 278 -31.47 31.94 1.93
CA GLU A 278 -30.53 32.11 3.05
C GLU A 278 -29.61 33.31 2.83
N TRP A 279 -29.06 33.43 1.63
CA TRP A 279 -28.07 34.47 1.36
C TRP A 279 -28.69 35.85 1.27
N ASN A 280 -30.02 35.95 1.14
CA ASN A 280 -30.70 37.23 0.98
C ASN A 280 -30.70 38.08 2.24
N VAL A 281 -30.37 37.51 3.41
CA VAL A 281 -30.43 38.28 4.65
C VAL A 281 -29.11 38.96 4.98
N LEU A 282 -28.05 38.73 4.21
CA LEU A 282 -26.78 39.39 4.50
C LEU A 282 -26.94 40.90 4.32
N PRO A 283 -26.30 41.71 5.19
CA PRO A 283 -26.50 43.17 5.09
C PRO A 283 -25.72 43.83 3.96
N PHE A 284 -24.67 43.19 3.44
CA PHE A 284 -23.84 43.80 2.42
C PHE A 284 -23.56 42.79 1.31
N ASP A 285 -23.34 43.31 0.10
CA ASP A 285 -22.60 42.55 -0.89
C ASP A 285 -21.22 42.25 -0.31
N SER A 286 -20.83 40.98 -0.34
CA SER A 286 -19.63 40.62 0.41
C SER A 286 -19.14 39.26 -0.04
N ILE A 287 -17.92 38.94 0.36
CA ILE A 287 -17.41 37.58 0.30
C ILE A 287 -16.90 37.25 1.70
N PHE A 288 -16.78 35.93 1.96
CA PHE A 288 -16.36 35.44 3.28
C PHE A 288 -17.29 35.98 4.38
N ARG A 289 -18.59 36.08 4.06
CA ARG A 289 -19.61 36.39 5.05
C ARG A 289 -20.76 35.40 4.87
N PHE A 290 -21.31 34.95 6.00
CA PHE A 290 -22.31 33.88 6.02
C PHE A 290 -23.47 34.29 6.91
N SER A 291 -24.66 33.81 6.55
CA SER A 291 -25.89 34.40 7.10
C SER A 291 -26.12 34.00 8.55
N PHE A 292 -26.11 32.71 8.85
CA PHE A 292 -26.52 32.21 10.15
C PHE A 292 -25.30 31.60 10.83
N VAL A 293 -24.81 32.29 11.84
CA VAL A 293 -23.55 32.00 12.54
C VAL A 293 -23.78 32.11 14.04
N PRO A 294 -22.84 31.66 14.88
CA PRO A 294 -22.99 31.84 16.33
C PRO A 294 -23.34 33.28 16.71
N VAL A 295 -24.10 33.42 17.79
CA VAL A 295 -24.50 34.72 18.32
CA VAL A 295 -24.51 34.72 18.31
C VAL A 295 -23.88 34.91 19.69
N ILE A 296 -23.42 36.14 19.95
CA ILE A 296 -22.84 36.50 21.25
C ILE A 296 -24.00 36.77 22.20
N ASP A 297 -24.41 35.74 22.95
CA ASP A 297 -25.74 35.68 23.54
C ASP A 297 -25.77 35.94 25.05
N GLY A 298 -24.61 35.99 25.73
CA GLY A 298 -24.62 36.07 27.17
C GLY A 298 -24.82 34.74 27.87
N GLU A 299 -24.95 33.65 27.13
CA GLU A 299 -25.17 32.34 27.72
C GLU A 299 -24.10 31.36 27.28
N PHE A 300 -24.08 31.00 25.98
CA PHE A 300 -22.95 30.22 25.47
C PHE A 300 -21.65 31.04 25.58
N PHE A 301 -21.75 32.33 25.33
CA PHE A 301 -20.63 33.26 25.49
C PHE A 301 -21.03 34.25 26.57
N PRO A 302 -20.48 34.14 27.79
CA PRO A 302 -20.95 35.02 28.87
C PRO A 302 -20.78 36.50 28.59
N THR A 303 -19.68 36.90 27.94
CA THR A 303 -19.48 38.28 27.57
C THR A 303 -18.92 38.30 26.14
N SER A 304 -18.53 39.48 25.67
CA SER A 304 -17.90 39.59 24.36
C SER A 304 -16.67 38.69 24.29
N LEU A 305 -16.39 38.18 23.09
CA LEU A 305 -15.20 37.35 22.91
C LEU A 305 -13.93 38.09 23.33
N GLU A 306 -13.83 39.37 22.98
CA GLU A 306 -12.61 40.10 23.30
C GLU A 306 -12.42 40.24 24.81
N SER A 307 -13.49 40.55 25.56
CA SER A 307 -13.34 40.64 27.01
C SER A 307 -12.99 39.30 27.62
N MET A 308 -13.62 38.21 27.17
CA MET A 308 -13.23 36.89 27.65
C MET A 308 -11.76 36.63 27.36
N LEU A 309 -11.30 36.98 26.16
CA LEU A 309 -9.90 36.77 25.82
C LEU A 309 -9.00 37.65 26.69
N ASN A 310 -9.42 38.89 26.95
CA ASN A 310 -8.58 39.82 27.70
C ASN A 310 -8.47 39.39 29.16
N SER A 311 -9.56 38.88 29.73
CA SER A 311 -9.59 38.51 31.14
C SER A 311 -9.08 37.11 31.41
N GLY A 312 -8.79 36.32 30.37
CA GLY A 312 -8.45 34.94 30.62
C GLY A 312 -9.62 34.06 30.96
N ASN A 313 -10.84 34.50 30.64
CA ASN A 313 -12.04 33.69 30.90
C ASN A 313 -12.18 32.64 29.80
N PHE A 314 -11.36 31.60 29.90
CA PHE A 314 -11.40 30.52 28.92
C PHE A 314 -10.62 29.35 29.49
N LYS A 315 -10.80 28.19 28.86
CA LYS A 315 -10.11 26.97 29.28
C LYS A 315 -8.61 27.11 29.06
N LYS A 316 -7.84 26.86 30.13
CA LYS A 316 -6.39 27.01 30.10
C LYS A 316 -5.78 25.64 29.83
N THR A 317 -5.26 25.46 28.63
CA THR A 317 -4.71 24.17 28.25
C THR A 317 -3.68 24.40 27.16
N GLN A 318 -3.34 23.36 26.39
CA GLN A 318 -2.43 23.47 25.26
C GLN A 318 -3.24 23.58 23.97
N ILE A 319 -2.75 24.39 23.04
CA ILE A 319 -3.37 24.47 21.72
C ILE A 319 -2.31 24.37 20.65
N LEU A 320 -2.74 23.87 19.48
CA LEU A 320 -1.92 23.80 18.29
C LEU A 320 -2.78 24.35 17.17
N LEU A 321 -2.24 25.27 16.37
CA LEU A 321 -3.11 25.94 15.42
C LEU A 321 -2.28 26.61 14.33
N GLY A 322 -2.93 26.94 13.23
CA GLY A 322 -2.22 27.59 12.16
C GLY A 322 -3.11 27.88 10.99
N VAL A 323 -2.47 28.28 9.88
CA VAL A 323 -3.14 28.82 8.70
C VAL A 323 -2.41 28.32 7.47
N ASN A 324 -3.04 28.56 6.31
CA ASN A 324 -2.47 28.22 5.01
C ASN A 324 -2.02 29.50 4.31
N LYS A 325 -1.19 29.33 3.30
CA LYS A 325 -0.56 30.49 2.66
C LYS A 325 -1.57 31.37 1.92
N ASP A 326 -2.53 30.76 1.24
CA ASP A 326 -3.43 31.52 0.36
C ASP A 326 -4.89 31.27 0.75
N GLU A 327 -5.25 31.71 1.96
CA GLU A 327 -6.59 31.45 2.47
C GLU A 327 -7.67 32.13 1.63
N GLY A 328 -7.34 33.21 0.91
CA GLY A 328 -8.37 33.99 0.24
C GLY A 328 -8.83 33.53 -1.13
N SER A 329 -8.03 32.71 -1.82
CA SER A 329 -8.26 32.50 -3.26
C SER A 329 -9.60 31.83 -3.55
N PHE A 330 -9.99 30.86 -2.73
CA PHE A 330 -11.30 30.21 -2.86
C PHE A 330 -12.42 31.23 -2.90
N PHE A 331 -12.42 32.17 -1.97
CA PHE A 331 -13.53 33.10 -1.84
C PHE A 331 -13.54 34.11 -2.98
N LEU A 332 -12.36 34.50 -3.47
CA LEU A 332 -12.31 35.42 -4.61
C LEU A 332 -12.82 34.74 -5.89
N LEU A 333 -12.39 33.49 -6.12
CA LEU A 333 -12.85 32.73 -7.27
C LEU A 333 -14.36 32.71 -7.34
N TYR A 334 -15.02 32.49 -6.21
CA TYR A 334 -16.47 32.32 -6.18
C TYR A 334 -17.23 33.64 -6.13
N GLY A 335 -16.62 34.71 -5.64
CA GLY A 335 -17.42 35.89 -5.38
C GLY A 335 -16.89 37.22 -5.89
N ALA A 336 -15.68 37.26 -6.48
CA ALA A 336 -15.09 38.56 -6.83
C ALA A 336 -14.87 38.69 -8.33
N PRO A 337 -15.06 39.89 -8.89
CA PRO A 337 -14.93 40.07 -10.34
C PRO A 337 -13.49 39.89 -10.83
N GLY A 338 -13.35 39.22 -11.97
CA GLY A 338 -12.07 39.04 -12.62
C GLY A 338 -11.39 37.71 -12.36
N PHE A 339 -11.93 36.87 -11.48
CA PHE A 339 -11.31 35.60 -11.15
C PHE A 339 -12.00 34.48 -11.90
N SER A 340 -11.22 33.45 -12.24
CA SER A 340 -11.72 32.36 -13.03
C SER A 340 -10.92 31.12 -12.71
N LYS A 341 -11.60 29.98 -12.72
CA LYS A 341 -10.96 28.69 -12.55
C LYS A 341 -10.03 28.35 -13.71
N ASP A 342 -10.29 28.93 -14.89
CA ASP A 342 -9.61 28.54 -16.12
C ASP A 342 -8.69 29.62 -16.68
N SER A 343 -8.29 30.58 -15.86
CA SER A 343 -7.31 31.57 -16.29
C SER A 343 -6.44 31.93 -15.11
N GLU A 344 -5.32 32.61 -15.39
CA GLU A 344 -4.45 33.12 -14.36
C GLU A 344 -5.07 34.23 -13.55
N SER A 345 -6.22 34.76 -13.98
CA SER A 345 -7.01 35.70 -13.18
C SER A 345 -6.20 36.95 -12.84
N LYS A 346 -5.57 37.53 -13.86
CA LYS A 346 -4.95 38.83 -13.65
C LYS A 346 -6.05 39.87 -13.44
N ILE A 347 -5.88 40.68 -12.43
CA ILE A 347 -6.95 41.52 -11.89
C ILE A 347 -6.67 42.96 -12.27
N SER A 348 -7.62 43.59 -12.96
CA SER A 348 -7.51 45.00 -13.29
C SER A 348 -7.57 45.83 -12.02
N ARG A 349 -7.12 47.09 -12.14
CA ARG A 349 -7.27 48.05 -11.06
C ARG A 349 -8.73 48.21 -10.66
N GLU A 350 -9.61 48.30 -11.64
CA GLU A 350 -11.03 48.47 -11.35
C GLU A 350 -11.58 47.28 -10.57
N ASP A 351 -11.24 46.06 -10.99
CA ASP A 351 -11.71 44.87 -10.28
C ASP A 351 -11.01 44.71 -8.93
N PHE A 352 -9.80 45.25 -8.78
CA PHE A 352 -9.16 45.25 -7.48
C PHE A 352 -9.96 46.08 -6.49
N MET A 353 -10.33 47.30 -6.88
CA MET A 353 -11.11 48.16 -6.01
C MET A 353 -12.45 47.50 -5.66
N SER A 354 -13.09 46.84 -6.63
CA SER A 354 -14.34 46.14 -6.32
C SER A 354 -14.12 45.02 -5.32
N GLY A 355 -13.01 44.28 -5.49
CA GLY A 355 -12.73 43.19 -4.57
C GLY A 355 -12.46 43.66 -3.15
N VAL A 356 -11.80 44.81 -3.00
CA VAL A 356 -11.55 45.34 -1.66
C VAL A 356 -12.87 45.64 -0.96
N LYS A 357 -13.81 46.24 -1.70
CA LYS A 357 -15.10 46.57 -1.12
C LYS A 357 -15.86 45.31 -0.70
N LEU A 358 -15.84 44.29 -1.56
CA LEU A 358 -16.47 43.00 -1.21
C LEU A 358 -15.79 42.36 -0.01
N SER A 359 -14.47 42.55 0.14
CA SER A 359 -13.71 41.84 1.17
C SER A 359 -13.84 42.50 2.53
N VAL A 360 -14.04 43.80 2.57
CA VAL A 360 -14.17 44.51 3.85
C VAL A 360 -15.49 45.28 3.79
N PRO A 361 -16.62 44.57 3.80
CA PRO A 361 -17.90 45.21 3.52
C PRO A 361 -18.32 46.20 4.58
N HIS A 362 -17.85 46.04 5.80
CA HIS A 362 -18.17 46.92 6.91
C HIS A 362 -17.37 48.22 6.93
N ALA A 363 -16.40 48.38 6.03
CA ALA A 363 -15.49 49.53 6.09
C ALA A 363 -16.10 50.76 5.45
N ASN A 364 -15.87 51.92 6.06
CA ASN A 364 -16.21 53.15 5.38
C ASN A 364 -15.17 53.44 4.30
N ASP A 365 -15.39 54.54 3.58
CA ASP A 365 -14.52 54.91 2.47
C ASP A 365 -13.08 55.14 2.92
N LEU A 366 -12.89 55.76 4.09
CA LEU A 366 -11.54 55.93 4.63
C LEU A 366 -10.90 54.58 4.91
N GLY A 367 -11.66 53.63 5.47
CA GLY A 367 -11.11 52.32 5.72
C GLY A 367 -10.73 51.60 4.45
N LEU A 368 -11.59 51.67 3.43
CA LEU A 368 -11.25 51.09 2.13
C LEU A 368 -9.97 51.70 1.57
N ASP A 369 -9.81 53.02 1.68
CA ASP A 369 -8.57 53.65 1.24
C ASP A 369 -7.37 53.08 1.99
N ALA A 370 -7.52 52.86 3.30
CA ALA A 370 -6.41 52.33 4.09
C ALA A 370 -6.00 50.94 3.62
N VAL A 371 -7.00 50.05 3.43
CA VAL A 371 -6.71 48.71 2.93
C VAL A 371 -6.03 48.78 1.57
N THR A 372 -6.57 49.62 0.68
CA THR A 372 -6.01 49.75 -0.67
C THR A 372 -4.56 50.20 -0.61
N LEU A 373 -4.29 51.23 0.18
CA LEU A 373 -2.93 51.74 0.27
C LEU A 373 -1.99 50.70 0.84
N GLN A 374 -2.49 49.93 1.82
CA GLN A 374 -1.65 48.97 2.48
C GLN A 374 -1.24 47.83 1.55
N TYR A 375 -2.05 47.55 0.53
CA TYR A 375 -1.82 46.40 -0.34
C TYR A 375 -1.53 46.77 -1.80
N THR A 376 -1.31 48.05 -2.10
CA THR A 376 -1.05 48.47 -3.48
C THR A 376 0.40 48.91 -3.62
N ASP A 377 1.07 48.38 -4.63
CA ASP A 377 2.42 48.82 -5.00
C ASP A 377 2.22 49.94 -6.01
N TRP A 378 2.35 51.19 -5.54
CA TRP A 378 2.11 52.32 -6.40
C TRP A 378 3.25 52.61 -7.37
N MET A 379 4.34 51.84 -7.34
CA MET A 379 5.26 51.84 -8.48
C MET A 379 4.77 50.96 -9.62
N ASP A 380 3.77 50.12 -9.39
CA ASP A 380 3.38 49.10 -10.36
C ASP A 380 1.90 48.74 -10.20
N ASP A 381 1.03 49.75 -10.15
CA ASP A 381 -0.35 49.55 -9.73
C ASP A 381 -1.20 48.85 -10.77
N ASN A 382 -0.76 48.76 -12.02
CA ASN A 382 -1.52 48.08 -13.06
C ASN A 382 -1.01 46.67 -13.31
N ASN A 383 -0.25 46.11 -12.38
CA ASN A 383 0.25 44.75 -12.48
C ASN A 383 -0.89 43.82 -12.08
N GLY A 384 -1.43 43.07 -13.05
CA GLY A 384 -2.57 42.19 -12.76
C GLY A 384 -2.23 41.06 -11.80
N ILE A 385 -0.98 40.60 -11.80
CA ILE A 385 -0.59 39.55 -10.88
C ILE A 385 -0.49 40.10 -9.47
N LYS A 386 0.06 41.31 -9.31
CA LYS A 386 0.15 41.91 -7.98
C LYS A 386 -1.23 42.29 -7.46
N ASN A 387 -2.13 42.72 -8.34
CA ASN A 387 -3.47 43.05 -7.89
C ASN A 387 -4.20 41.80 -7.45
N ARG A 388 -4.06 40.72 -8.23
CA ARG A 388 -4.67 39.44 -7.87
C ARG A 388 -4.14 38.93 -6.54
N ASP A 389 -2.81 38.88 -6.39
CA ASP A 389 -2.22 38.38 -5.15
C ASP A 389 -2.48 39.31 -3.98
N GLY A 390 -2.57 40.63 -4.23
CA GLY A 390 -2.90 41.55 -3.16
C GLY A 390 -4.29 41.31 -2.60
N LEU A 391 -5.27 41.12 -3.50
CA LEU A 391 -6.61 40.74 -3.08
C LEU A 391 -6.61 39.42 -2.33
N ASP A 392 -5.85 38.44 -2.82
CA ASP A 392 -5.74 37.15 -2.14
C ASP A 392 -5.26 37.36 -0.71
N ASP A 393 -4.21 38.17 -0.52
CA ASP A 393 -3.69 38.40 0.82
C ASP A 393 -4.69 39.16 1.68
N ILE A 394 -5.39 40.15 1.10
CA ILE A 394 -6.39 40.90 1.86
C ILE A 394 -7.42 39.94 2.46
N VAL A 395 -8.03 39.13 1.61
CA VAL A 395 -9.08 38.22 2.07
C VAL A 395 -8.54 37.30 3.15
N GLY A 396 -7.36 36.70 2.92
CA GLY A 396 -6.82 35.76 3.88
C GLY A 396 -6.39 36.42 5.17
N ASP A 397 -5.73 37.59 5.08
CA ASP A 397 -5.25 38.26 6.28
C ASP A 397 -6.41 38.72 7.14
N HIS A 398 -7.42 39.33 6.50
CA HIS A 398 -8.53 39.91 7.25
C HIS A 398 -9.41 38.82 7.87
N ASN A 399 -9.69 37.77 7.12
CA ASN A 399 -10.67 36.78 7.58
C ASN A 399 -10.08 35.61 8.37
N VAL A 400 -8.80 35.29 8.19
CA VAL A 400 -8.27 34.06 8.79
C VAL A 400 -6.98 34.35 9.57
N ILE A 401 -5.95 34.83 8.86
CA ILE A 401 -4.61 34.86 9.45
C ILE A 401 -4.55 35.85 10.62
N CYS A 402 -4.95 37.10 10.40
CA CYS A 402 -4.79 38.07 11.48
C CYS A 402 -5.76 37.81 12.65
N PRO A 403 -7.03 37.43 12.43
CA PRO A 403 -7.85 37.02 13.59
C PRO A 403 -7.23 35.90 14.38
N LEU A 404 -6.66 34.91 13.69
CA LEU A 404 -6.01 33.80 14.40
C LEU A 404 -4.80 34.30 15.17
N MET A 405 -4.04 35.25 14.62
CA MET A 405 -2.87 35.75 15.34
C MET A 405 -3.28 36.57 16.56
N HIS A 406 -4.40 37.28 16.48
CA HIS A 406 -4.92 37.96 17.66
C HIS A 406 -5.29 36.94 18.73
N PHE A 407 -5.98 35.88 18.33
CA PHE A 407 -6.32 34.82 19.27
C PHE A 407 -5.07 34.18 19.85
N VAL A 408 -4.11 33.85 18.98
CA VAL A 408 -2.86 33.22 19.43
C VAL A 408 -2.21 34.09 20.51
N ASN A 409 -2.12 35.39 20.25
CA ASN A 409 -1.41 36.25 21.18
C ASN A 409 -2.19 36.41 22.48
N LYS A 410 -3.51 36.54 22.42
CA LYS A 410 -4.30 36.63 23.64
C LYS A 410 -4.29 35.33 24.43
N TYR A 411 -4.43 34.19 23.74
CA TYR A 411 -4.51 32.90 24.44
C TYR A 411 -3.20 32.60 25.17
N THR A 412 -2.08 32.88 24.51
CA THR A 412 -0.78 32.47 25.03
C THR A 412 -0.43 33.19 26.33
N LYS A 413 -1.07 34.33 26.62
CA LYS A 413 -0.82 35.01 27.88
C LYS A 413 -1.28 34.18 29.08
N PHE A 414 -2.31 33.35 28.91
CA PHE A 414 -2.91 32.58 29.99
C PHE A 414 -2.82 31.08 29.80
N GLY A 415 -2.64 30.60 28.57
CA GLY A 415 -2.66 29.17 28.30
C GLY A 415 -1.43 28.45 28.80
N ASN A 416 -1.40 27.15 28.52
CA ASN A 416 -0.36 26.26 29.02
C ASN A 416 0.47 25.65 27.89
N GLY A 417 0.52 26.30 26.72
CA GLY A 417 1.30 25.79 25.62
C GLY A 417 0.69 26.07 24.28
N THR A 418 1.39 26.81 23.42
CA THR A 418 0.89 27.17 22.09
C THR A 418 1.91 26.71 21.05
N TYR A 419 1.42 26.01 20.03
CA TYR A 419 2.22 25.63 18.86
C TYR A 419 1.52 26.14 17.61
N LEU A 420 2.26 26.92 16.80
CA LEU A 420 1.71 27.65 15.67
C LEU A 420 2.38 27.18 14.39
N TYR A 421 1.60 26.98 13.33
CA TYR A 421 2.14 26.52 12.06
C TYR A 421 1.66 27.40 10.91
N PHE A 422 2.41 27.33 9.82
CA PHE A 422 2.09 28.04 8.58
C PHE A 422 2.22 27.00 7.47
N PHE A 423 1.09 26.56 6.94
CA PHE A 423 1.09 25.48 5.96
C PHE A 423 1.17 26.10 4.57
N ASN A 424 2.26 25.83 3.85
CA ASN A 424 2.46 26.50 2.55
C ASN A 424 2.92 25.50 1.50
N HIS A 425 2.43 24.27 1.55
CA HIS A 425 2.70 23.30 0.48
C HIS A 425 1.51 23.21 -0.46
N ARG A 426 1.75 23.42 -1.74
CA ARG A 426 0.74 23.20 -2.77
C ARG A 426 0.83 21.76 -3.27
N ALA A 427 -0.28 21.03 -3.20
CA ALA A 427 -0.26 19.62 -3.55
C ALA A 427 0.08 19.43 -5.02
N SER A 428 0.88 18.40 -5.30
CA SER A 428 1.32 18.14 -6.67
C SER A 428 0.14 17.80 -7.58
N ASN A 429 -0.95 17.28 -7.04
CA ASN A 429 -2.09 16.82 -7.81
C ASN A 429 -3.30 17.74 -7.69
N LEU A 430 -3.11 18.97 -7.23
CA LEU A 430 -4.23 19.88 -7.05
C LEU A 430 -4.92 20.13 -8.38
N VAL A 431 -6.26 20.11 -8.34
CA VAL A 431 -7.04 20.29 -9.56
C VAL A 431 -7.38 21.76 -9.82
N TRP A 432 -7.19 22.63 -8.84
CA TRP A 432 -7.42 24.06 -8.97
C TRP A 432 -6.21 24.74 -9.60
N PRO A 433 -6.39 25.89 -10.25
CA PRO A 433 -5.28 26.51 -10.99
C PRO A 433 -4.21 27.06 -10.06
N GLU A 434 -3.04 27.33 -10.66
CA GLU A 434 -1.87 27.73 -9.87
C GLU A 434 -2.07 29.04 -9.13
N TRP A 435 -2.85 29.97 -9.69
CA TRP A 435 -2.96 31.28 -9.04
C TRP A 435 -3.58 31.16 -7.66
N MET A 436 -4.37 30.11 -7.42
CA MET A 436 -5.00 29.96 -6.12
C MET A 436 -4.03 29.48 -5.04
N GLY A 437 -2.85 28.97 -5.43
CA GLY A 437 -1.81 28.72 -4.44
C GLY A 437 -2.17 27.61 -3.45
N VAL A 438 -1.91 27.87 -2.17
CA VAL A 438 -2.15 26.89 -1.09
C VAL A 438 -3.51 27.27 -0.50
N ILE A 439 -4.54 26.59 -0.98
CA ILE A 439 -5.92 27.02 -0.79
C ILE A 439 -6.40 26.69 0.62
N HIS A 440 -7.28 27.56 1.13
CA HIS A 440 -8.12 27.28 2.29
C HIS A 440 -8.59 25.83 2.24
N GLY A 441 -8.41 25.12 3.35
CA GLY A 441 -8.91 23.77 3.48
C GLY A 441 -8.05 22.67 2.88
N TYR A 442 -7.01 23.00 2.11
CA TYR A 442 -6.25 21.95 1.46
C TYR A 442 -5.10 21.43 2.30
N GLU A 443 -5.02 21.86 3.56
CA GLU A 443 -4.22 21.10 4.50
C GLU A 443 -4.97 19.88 5.05
N ILE A 444 -6.31 19.88 4.96
CA ILE A 444 -7.09 18.82 5.60
C ILE A 444 -6.65 17.45 5.08
N GLU A 445 -6.50 17.32 3.76
CA GLU A 445 -6.16 16.01 3.21
C GLU A 445 -4.83 15.50 3.76
N PHE A 446 -3.91 16.39 4.14
CA PHE A 446 -2.67 15.95 4.76
C PHE A 446 -2.89 15.55 6.21
N VAL A 447 -3.75 16.28 6.92
CA VAL A 447 -4.06 15.95 8.30
C VAL A 447 -4.72 14.57 8.39
N PHE A 448 -5.54 14.22 7.40
CA PHE A 448 -6.27 12.96 7.43
C PHE A 448 -5.55 11.84 6.68
N GLY A 449 -4.36 12.09 6.17
CA GLY A 449 -3.53 11.01 5.65
C GLY A 449 -3.85 10.55 4.26
N LEU A 450 -4.58 11.35 3.47
CA LEU A 450 -4.87 10.95 2.10
C LEU A 450 -3.64 10.77 1.22
N PRO A 451 -2.52 11.49 1.40
CA PRO A 451 -1.32 11.17 0.61
C PRO A 451 -0.80 9.75 0.82
N LEU A 452 -1.17 9.08 1.92
CA LEU A 452 -0.77 7.69 2.14
C LEU A 452 -1.42 6.71 1.18
N VAL A 453 -2.38 7.14 0.36
CA VAL A 453 -3.12 6.24 -0.52
C VAL A 453 -2.49 6.31 -1.92
N LYS A 454 -1.95 5.18 -2.37
CA LYS A 454 -1.25 5.11 -3.64
C LYS A 454 -2.08 5.71 -4.78
N GLU A 455 -3.34 5.27 -4.89
CA GLU A 455 -4.17 5.63 -6.04
C GLU A 455 -4.50 7.11 -6.11
N LEU A 456 -4.21 7.90 -5.08
CA LEU A 456 -4.48 9.32 -5.11
C LEU A 456 -3.32 10.14 -5.69
N ASN A 457 -2.18 9.50 -5.96
CA ASN A 457 -1.10 10.10 -6.77
C ASN A 457 -0.48 11.34 -6.11
N TYR A 458 -0.24 11.26 -4.80
CA TYR A 458 0.65 12.22 -4.18
C TYR A 458 2.10 11.72 -4.32
N THR A 459 3.04 12.65 -4.23
CA THR A 459 4.43 12.25 -4.27
C THR A 459 4.84 11.57 -2.96
N ALA A 460 5.98 10.90 -3.00
CA ALA A 460 6.50 10.28 -1.78
C ALA A 460 6.83 11.34 -0.74
N GLU A 461 7.27 12.51 -1.19
CA GLU A 461 7.56 13.60 -0.25
C GLU A 461 6.28 14.09 0.43
N GLU A 462 5.16 14.07 -0.30
CA GLU A 462 3.89 14.48 0.30
C GLU A 462 3.34 13.42 1.25
N GLU A 463 3.59 12.14 0.98
CA GLU A 463 3.26 11.13 1.98
C GLU A 463 4.04 11.36 3.26
N ALA A 464 5.34 11.64 3.14
CA ALA A 464 6.13 11.89 4.34
C ALA A 464 5.61 13.11 5.10
N LEU A 465 5.24 14.18 4.38
CA LEU A 465 4.69 15.35 5.03
C LEU A 465 3.40 15.01 5.78
N SER A 466 2.50 14.30 5.11
CA SER A 466 1.26 13.87 5.76
C SER A 466 1.56 13.01 6.99
N ARG A 467 2.50 12.06 6.87
CA ARG A 467 2.89 11.29 8.04
C ARG A 467 3.44 12.20 9.14
N ARG A 468 4.24 13.20 8.76
CA ARG A 468 4.75 14.14 9.76
CA ARG A 468 4.75 14.15 9.76
C ARG A 468 3.61 14.89 10.44
N ILE A 469 2.67 15.39 9.64
CA ILE A 469 1.57 16.19 10.18
C ILE A 469 0.69 15.33 11.09
N MET A 470 0.33 14.13 10.63
CA MET A 470 -0.48 13.25 11.46
C MET A 470 0.19 12.95 12.79
N HIS A 471 1.52 12.74 12.77
CA HIS A 471 2.24 12.46 14.01
C HIS A 471 2.31 13.69 14.90
N TYR A 472 2.56 14.87 14.33
CA TYR A 472 2.46 16.10 15.13
C TYR A 472 1.09 16.20 15.79
N TRP A 473 0.03 16.04 15.00
CA TRP A 473 -1.33 16.21 15.51
C TRP A 473 -1.62 15.20 16.61
N ALA A 474 -1.31 13.93 16.36
CA ALA A 474 -1.67 12.88 17.33
C ALA A 474 -0.76 12.92 18.55
N THR A 475 0.52 13.23 18.37
CA THR A 475 1.40 13.34 19.54
C THR A 475 0.99 14.54 20.39
N PHE A 476 0.61 15.65 19.76
CA PHE A 476 0.06 16.75 20.53
C PHE A 476 -1.21 16.33 21.27
N ALA A 477 -2.10 15.62 20.58
CA ALA A 477 -3.32 15.14 21.23
C ALA A 477 -2.98 14.27 22.44
N LYS A 478 -1.99 13.37 22.31
CA LYS A 478 -1.61 12.47 23.40
C LYS A 478 -0.95 13.20 24.58
N THR A 479 -0.09 14.19 24.29
CA THR A 479 0.84 14.71 25.29
C THR A 479 0.78 16.22 25.50
N GLY A 480 0.11 16.96 24.63
CA GLY A 480 0.16 18.41 24.69
C GLY A 480 1.38 19.01 24.01
N ASN A 481 2.14 18.20 23.28
CA ASN A 481 3.39 18.61 22.67
C ASN A 481 3.51 17.83 21.36
N PRO A 482 3.59 18.52 20.22
CA PRO A 482 3.69 17.79 18.94
C PRO A 482 5.00 17.04 18.77
N ASN A 483 6.01 17.33 19.58
CA ASN A 483 7.33 16.71 19.43
C ASN A 483 7.43 15.44 20.28
N GLU A 484 8.03 14.41 19.70
CA GLU A 484 8.38 13.23 20.48
C GLU A 484 9.67 13.50 21.25
N PRO A 485 9.70 13.24 22.55
CA PRO A 485 10.95 13.42 23.31
C PRO A 485 11.99 12.38 22.90
N HIS A 486 13.25 12.74 23.15
CA HIS A 486 14.40 11.91 22.83
C HIS A 486 14.43 11.53 21.35
N SER A 487 13.59 12.17 20.54
CA SER A 487 13.74 12.07 19.10
C SER A 487 14.84 13.02 18.64
N GLN A 488 15.37 12.72 17.44
CA GLN A 488 16.45 13.49 16.82
C GLN A 488 15.99 14.39 15.68
N GLU A 489 14.73 14.33 15.28
CA GLU A 489 14.23 15.30 14.34
C GLU A 489 14.17 16.68 14.99
N SER A 490 14.09 17.71 14.15
CA SER A 490 14.06 19.08 14.64
C SER A 490 12.77 19.35 15.41
N LYS A 491 12.87 20.23 16.40
CA LYS A 491 11.80 20.45 17.38
C LYS A 491 10.96 21.65 16.97
N TRP A 492 9.63 21.46 17.00
CA TRP A 492 8.64 22.51 16.84
C TRP A 492 8.57 23.31 18.13
N PRO A 493 9.04 24.56 18.14
CA PRO A 493 9.14 25.30 19.40
C PRO A 493 7.79 25.86 19.85
N LEU A 494 7.63 25.94 21.17
CA LEU A 494 6.51 26.67 21.73
C LEU A 494 6.47 28.09 21.17
N PHE A 495 5.27 28.53 20.80
CA PHE A 495 5.03 29.95 20.56
C PHE A 495 4.97 30.66 21.91
N THR A 496 5.81 31.68 22.09
CA THR A 496 5.82 32.45 23.31
C THR A 496 5.48 33.90 23.02
N THR A 497 4.95 34.59 24.03
CA THR A 497 4.63 36.00 23.89
C THR A 497 5.83 36.80 23.38
N LYS A 498 7.03 36.50 23.90
CA LYS A 498 8.18 37.31 23.53
C LYS A 498 8.70 36.95 22.14
N GLU A 499 8.96 35.66 21.90
CA GLU A 499 9.64 35.27 20.67
C GLU A 499 8.71 34.90 19.52
N GLN A 500 7.46 34.50 19.81
CA GLN A 500 6.42 34.34 18.79
C GLN A 500 6.85 33.44 17.64
N LYS A 501 7.49 32.32 17.98
CA LYS A 501 7.98 31.38 16.99
C LYS A 501 6.84 30.54 16.40
N PHE A 502 6.98 30.21 15.12
CA PHE A 502 6.12 29.27 14.43
C PHE A 502 6.98 28.48 13.45
N ILE A 503 6.41 27.44 12.86
CA ILE A 503 7.12 26.65 11.85
C ILE A 503 6.33 26.66 10.55
N ASP A 504 7.05 26.55 9.44
CA ASP A 504 6.44 26.21 8.17
C ASP A 504 6.13 24.72 8.16
N LEU A 505 4.99 24.36 7.57
CA LEU A 505 4.67 22.96 7.30
C LEU A 505 4.71 22.78 5.79
N ASN A 506 5.74 22.10 5.30
CA ASN A 506 5.86 21.81 3.88
C ASN A 506 6.82 20.64 3.72
N THR A 507 7.19 20.33 2.48
CA THR A 507 8.00 19.16 2.20
C THR A 507 9.47 19.37 2.45
N GLU A 508 9.90 20.61 2.70
CA GLU A 508 11.29 20.92 2.99
C GLU A 508 11.57 20.77 4.49
N PRO A 509 12.83 20.63 4.88
CA PRO A 509 13.15 20.55 6.31
C PRO A 509 12.60 21.75 7.08
N MET A 510 12.19 21.48 8.32
CA MET A 510 11.45 22.44 9.12
C MET A 510 12.27 23.71 9.37
N LYS A 511 11.65 24.86 9.14
CA LYS A 511 12.27 26.14 9.44
C LYS A 511 11.44 26.86 10.50
N VAL A 512 12.12 27.47 11.46
CA VAL A 512 11.49 28.25 12.52
C VAL A 512 11.50 29.71 12.11
N HIS A 513 10.35 30.37 12.21
CA HIS A 513 10.26 31.81 11.97
C HIS A 513 9.61 32.47 13.19
N GLN A 514 9.52 33.79 13.14
CA GLN A 514 8.91 34.58 14.21
C GLN A 514 7.96 35.60 13.60
N ARG A 515 6.92 35.94 14.37
CA ARG A 515 5.99 37.03 14.05
C ARG A 515 5.30 36.80 12.70
N LEU A 516 4.39 35.83 12.72
CA LEU A 516 3.65 35.46 11.51
C LEU A 516 2.84 36.64 10.98
N ARG A 517 3.12 37.04 9.74
CA ARG A 517 2.51 38.18 9.04
C ARG A 517 2.24 39.36 9.97
N VAL A 518 3.26 39.72 10.74
CA VAL A 518 3.07 40.70 11.81
C VAL A 518 2.73 42.07 11.24
N GLN A 519 3.35 42.44 10.11
CA GLN A 519 3.14 43.78 9.56
C GLN A 519 1.68 43.97 9.16
N MET A 520 1.14 43.04 8.36
CA MET A 520 -0.27 43.19 7.99
C MET A 520 -1.20 43.01 9.17
N CYS A 521 -0.83 42.18 10.13
CA CYS A 521 -1.76 41.98 11.24
C CYS A 521 -1.75 43.14 12.22
N VAL A 522 -0.66 43.92 12.32
CA VAL A 522 -0.79 45.19 13.03
C VAL A 522 -1.85 46.05 12.37
N PHE A 523 -1.85 46.09 11.03
CA PHE A 523 -2.88 46.83 10.32
C PHE A 523 -4.29 46.29 10.61
N TRP A 524 -4.49 44.98 10.47
CA TRP A 524 -5.84 44.44 10.63
C TRP A 524 -6.28 44.42 12.09
N ASN A 525 -5.37 44.18 13.03
CA ASN A 525 -5.77 43.97 14.42
C ASN A 525 -5.72 45.23 15.27
N GLN A 526 -4.93 46.23 14.90
CA GLN A 526 -4.89 47.47 15.68
C GLN A 526 -5.28 48.68 14.88
N PHE A 527 -4.63 48.96 13.76
CA PHE A 527 -4.85 50.27 13.15
C PHE A 527 -6.23 50.37 12.51
N LEU A 528 -6.60 49.42 11.66
CA LEU A 528 -7.90 49.53 10.99
C LEU A 528 -9.05 49.53 11.98
N PRO A 529 -9.11 48.66 13.00
CA PRO A 529 -10.20 48.77 13.97
C PRO A 529 -10.26 50.12 14.65
N LYS A 530 -9.11 50.69 14.98
CA LYS A 530 -9.09 52.03 15.56
C LYS A 530 -9.62 53.06 14.57
N LEU A 531 -9.21 52.96 13.30
CA LEU A 531 -9.73 53.86 12.28
C LEU A 531 -11.24 53.75 12.14
N LEU A 532 -11.76 52.52 12.08
CA LEU A 532 -13.20 52.35 11.91
C LEU A 532 -13.95 52.81 13.16
N ASN A 533 -13.39 52.56 14.35
CA ASN A 533 -14.04 53.05 15.56
C ASN A 533 -14.04 54.59 15.61
N ALA A 534 -12.96 55.21 15.14
CA ALA A 534 -12.86 56.67 15.19
C ALA A 534 -13.60 57.37 14.06
N THR A 535 -13.95 56.67 12.99
CA THR A 535 -14.66 57.27 11.88
C THR A 535 -15.85 56.40 11.48
N SER B 4 10.03 -58.01 -2.93
CA SER B 4 10.86 -57.95 -1.74
C SER B 4 11.73 -56.70 -1.77
N GLU B 5 12.74 -56.70 -2.64
CA GLU B 5 13.50 -55.48 -2.87
C GLU B 5 12.61 -54.41 -3.49
N LEU B 6 11.66 -54.82 -4.33
CA LEU B 6 10.77 -53.91 -5.02
C LEU B 6 9.46 -53.68 -4.30
N LEU B 7 9.21 -54.37 -3.20
CA LEU B 7 7.95 -54.27 -2.48
C LEU B 7 8.24 -53.56 -1.17
N VAL B 8 7.68 -52.37 -1.00
CA VAL B 8 7.96 -51.52 0.15
C VAL B 8 6.65 -51.12 0.78
N ASN B 9 6.53 -51.30 2.09
CA ASN B 9 5.35 -50.86 2.82
CA ASN B 9 5.35 -50.87 2.83
C ASN B 9 5.61 -49.47 3.37
N THR B 10 4.87 -48.50 2.89
CA THR B 10 5.00 -47.14 3.38
C THR B 10 3.88 -46.84 4.37
N LYS B 11 4.00 -45.70 5.04
CA LYS B 11 2.99 -45.28 6.00
C LYS B 11 1.64 -45.03 5.35
N SER B 12 1.58 -44.88 4.03
CA SER B 12 0.32 -44.72 3.32
C SER B 12 -0.12 -45.98 2.57
N GLY B 13 0.66 -47.05 2.62
CA GLY B 13 0.31 -48.29 1.95
C GLY B 13 1.49 -48.85 1.19
N LYS B 14 1.25 -50.02 0.60
CA LYS B 14 2.30 -50.75 -0.09
C LYS B 14 2.49 -50.24 -1.51
N VAL B 15 3.74 -50.28 -1.97
CA VAL B 15 4.13 -49.86 -3.32
CA VAL B 15 4.09 -49.90 -3.33
C VAL B 15 5.00 -50.96 -3.91
N MET B 16 4.86 -51.19 -5.21
CA MET B 16 5.67 -52.16 -5.94
C MET B 16 6.40 -51.45 -7.07
N GLY B 17 7.72 -51.35 -6.93
CA GLY B 17 8.54 -50.72 -7.94
C GLY B 17 8.91 -51.66 -9.07
N THR B 18 9.87 -51.22 -9.87
CA THR B 18 10.32 -51.98 -11.03
C THR B 18 11.84 -51.96 -11.07
N ARG B 19 12.42 -53.02 -11.64
CA ARG B 19 13.87 -53.13 -11.78
CA ARG B 19 13.87 -53.12 -11.79
C ARG B 19 14.26 -52.54 -13.13
N VAL B 20 15.14 -51.54 -13.11
CA VAL B 20 15.47 -50.84 -14.35
C VAL B 20 16.93 -51.02 -14.71
N PRO B 21 17.25 -51.17 -16.00
CA PRO B 21 18.65 -51.20 -16.41
C PRO B 21 19.25 -49.82 -16.27
N VAL B 22 20.51 -49.78 -15.83
CA VAL B 22 21.26 -48.54 -15.82
C VAL B 22 22.69 -48.88 -16.18
N LEU B 23 23.16 -48.33 -17.30
CA LEU B 23 24.47 -48.68 -17.86
C LEU B 23 24.56 -50.20 -17.98
N SER B 24 25.52 -50.83 -17.33
CA SER B 24 25.64 -52.28 -17.41
C SER B 24 25.14 -52.99 -16.15
N SER B 25 24.30 -52.34 -15.37
CA SER B 25 23.82 -52.90 -14.11
C SER B 25 22.32 -52.62 -14.00
N HIS B 26 21.81 -52.60 -12.78
CA HIS B 26 20.39 -52.42 -12.54
C HIS B 26 20.21 -51.68 -11.22
N ILE B 27 19.09 -50.95 -11.11
CA ILE B 27 18.66 -50.36 -9.86
C ILE B 27 17.15 -50.46 -9.76
N SER B 28 16.61 -50.13 -8.59
CA SER B 28 15.18 -50.19 -8.35
C SER B 28 14.56 -48.82 -8.57
N ALA B 29 13.40 -48.78 -9.20
CA ALA B 29 12.71 -47.53 -9.43
C ALA B 29 11.28 -47.64 -8.91
N PHE B 30 10.85 -46.63 -8.18
CA PHE B 30 9.47 -46.55 -7.71
C PHE B 30 8.88 -45.30 -8.33
N LEU B 31 8.07 -45.47 -9.37
CA LEU B 31 7.59 -44.36 -10.18
C LEU B 31 6.13 -44.06 -9.86
N GLY B 32 5.84 -42.77 -9.72
CA GLY B 32 4.47 -42.31 -9.59
C GLY B 32 3.80 -42.63 -8.27
N ILE B 33 4.54 -42.53 -7.16
CA ILE B 33 3.94 -42.72 -5.84
C ILE B 33 3.14 -41.47 -5.48
N PRO B 34 1.86 -41.59 -5.10
CA PRO B 34 1.10 -40.40 -4.73
C PRO B 34 1.50 -39.91 -3.35
N PHE B 35 1.60 -38.59 -3.21
CA PHE B 35 1.87 -38.02 -1.91
C PHE B 35 0.80 -37.05 -1.45
N ALA B 36 -0.18 -36.77 -2.29
CA ALA B 36 -1.25 -35.83 -2.01
C ALA B 36 -2.55 -36.41 -2.54
N GLU B 37 -3.66 -35.96 -1.97
CA GLU B 37 -4.95 -36.18 -2.62
C GLU B 37 -4.98 -35.42 -3.94
N PRO B 38 -5.59 -35.98 -4.97
CA PRO B 38 -5.72 -35.27 -6.24
C PRO B 38 -6.34 -33.90 -6.03
N PRO B 39 -5.67 -32.83 -6.44
CA PRO B 39 -6.21 -31.48 -6.23
C PRO B 39 -7.21 -31.07 -7.31
N VAL B 40 -8.34 -31.79 -7.36
CA VAL B 40 -9.30 -31.65 -8.44
C VAL B 40 -10.64 -31.15 -7.90
N GLY B 41 -11.45 -30.62 -8.81
CA GLY B 41 -12.78 -30.19 -8.44
C GLY B 41 -12.74 -29.02 -7.48
N ASN B 42 -13.43 -29.15 -6.35
CA ASN B 42 -13.43 -28.07 -5.37
C ASN B 42 -12.10 -27.95 -4.63
N MET B 43 -11.11 -28.77 -4.95
CA MET B 43 -9.78 -28.66 -4.37
C MET B 43 -8.79 -27.96 -5.30
N ARG B 44 -9.23 -27.52 -6.47
CA ARG B 44 -8.38 -26.68 -7.31
C ARG B 44 -8.10 -25.37 -6.59
N PHE B 45 -6.83 -24.96 -6.59
CA PHE B 45 -6.29 -23.77 -5.95
C PHE B 45 -6.12 -23.94 -4.45
N ARG B 46 -6.60 -25.03 -3.86
CA ARG B 46 -6.57 -25.25 -2.43
CA ARG B 46 -6.54 -25.19 -2.42
C ARG B 46 -5.20 -25.81 -2.00
N ARG B 47 -4.88 -25.65 -0.72
CA ARG B 47 -3.69 -26.31 -0.18
C ARG B 47 -3.81 -27.81 -0.43
N PRO B 48 -2.69 -28.50 -0.63
CA PRO B 48 -2.75 -29.95 -0.76
C PRO B 48 -3.18 -30.60 0.54
N GLU B 49 -3.84 -31.75 0.42
CA GLU B 49 -4.13 -32.61 1.55
C GLU B 49 -3.34 -33.91 1.41
N PRO B 50 -2.89 -34.50 2.52
CA PRO B 50 -2.11 -35.75 2.42
C PRO B 50 -2.90 -36.83 1.69
N LYS B 51 -2.18 -37.67 0.95
CA LYS B 51 -2.81 -38.78 0.26
C LYS B 51 -3.40 -39.74 1.28
N LYS B 52 -4.67 -40.10 1.09
CA LYS B 52 -5.29 -41.04 2.01
C LYS B 52 -4.71 -42.45 1.79
N PRO B 53 -4.43 -43.18 2.86
CA PRO B 53 -3.85 -44.52 2.71
C PRO B 53 -4.71 -45.40 1.84
N TRP B 54 -4.07 -46.28 1.09
CA TRP B 54 -4.74 -47.20 0.17
C TRP B 54 -4.50 -48.63 0.61
N SER B 55 -5.45 -49.50 0.29
CA SER B 55 -5.24 -50.92 0.46
C SER B 55 -4.66 -51.50 -0.81
N GLY B 56 -4.12 -52.71 -0.72
CA GLY B 56 -3.51 -53.31 -1.88
C GLY B 56 -2.13 -52.73 -2.13
N VAL B 57 -1.62 -53.03 -3.32
CA VAL B 57 -0.26 -52.68 -3.72
C VAL B 57 -0.32 -51.64 -4.83
N TRP B 58 0.24 -50.45 -4.57
CA TRP B 58 0.31 -49.43 -5.61
C TRP B 58 1.35 -49.84 -6.64
N ASN B 59 0.94 -49.91 -7.90
CA ASN B 59 1.86 -50.26 -8.98
C ASN B 59 2.71 -49.03 -9.30
N ALA B 60 3.97 -49.03 -8.88
CA ALA B 60 4.88 -47.91 -9.06
C ALA B 60 5.91 -48.23 -10.14
N SER B 61 5.46 -48.83 -11.23
CA SER B 61 6.37 -49.21 -12.31
C SER B 61 6.32 -48.21 -13.46
N THR B 62 5.48 -47.19 -13.36
CA THR B 62 5.15 -46.32 -14.48
C THR B 62 5.17 -44.86 -14.03
N TYR B 63 5.69 -43.98 -14.88
CA TYR B 63 5.69 -42.56 -14.57
C TYR B 63 4.26 -42.06 -14.39
N PRO B 64 4.04 -41.07 -13.52
CA PRO B 64 2.69 -40.50 -13.35
C PRO B 64 2.35 -39.54 -14.49
N ASN B 65 1.11 -39.02 -14.44
CA ASN B 65 0.74 -37.87 -15.25
C ASN B 65 1.61 -36.66 -14.90
N ASN B 66 1.70 -35.72 -15.83
CA ASN B 66 2.30 -34.41 -15.58
C ASN B 66 1.20 -33.40 -15.25
N CYS B 67 1.58 -32.34 -14.52
CA CYS B 67 0.58 -31.34 -14.18
C CYS B 67 0.17 -30.53 -15.40
N GLN B 68 -1.03 -29.93 -15.33
CA GLN B 68 -1.55 -29.13 -16.43
C GLN B 68 -0.68 -27.89 -16.64
N GLN B 69 -0.28 -27.67 -17.89
CA GLN B 69 0.63 -26.56 -18.15
C GLN B 69 0.59 -26.17 -19.62
N TYR B 70 1.02 -24.93 -19.85
CA TYR B 70 1.34 -24.47 -21.19
C TYR B 70 2.32 -25.42 -21.86
N VAL B 71 2.07 -25.76 -23.12
CA VAL B 71 2.94 -26.63 -23.90
C VAL B 71 3.54 -25.80 -25.02
N ASP B 72 4.88 -25.87 -25.17
CA ASP B 72 5.59 -25.06 -26.16
C ASP B 72 5.50 -25.69 -27.55
N GLU B 73 4.88 -24.97 -28.49
CA GLU B 73 4.75 -25.42 -29.87
CA GLU B 73 4.79 -25.46 -29.86
C GLU B 73 5.54 -24.56 -30.84
N GLN B 74 6.54 -23.81 -30.35
CA GLN B 74 7.27 -22.90 -31.22
C GLN B 74 8.03 -23.64 -32.31
N PHE B 75 8.69 -24.75 -31.95
CA PHE B 75 9.46 -25.56 -32.89
C PHE B 75 8.91 -26.99 -32.84
N PRO B 76 7.78 -27.24 -33.48
CA PRO B 76 7.15 -28.56 -33.39
C PRO B 76 8.11 -29.66 -33.83
N GLY B 77 8.27 -30.66 -32.97
CA GLY B 77 9.13 -31.80 -33.28
C GLY B 77 10.61 -31.59 -33.02
N PHE B 78 11.04 -30.37 -32.69
CA PHE B 78 12.45 -30.09 -32.47
C PHE B 78 12.87 -30.61 -31.09
N SER B 79 13.89 -31.46 -31.05
CA SER B 79 14.24 -32.12 -29.79
C SER B 79 14.63 -31.11 -28.72
N GLY B 80 15.30 -30.02 -29.11
CA GLY B 80 15.82 -29.07 -28.12
C GLY B 80 14.73 -28.38 -27.32
N SER B 81 13.56 -28.17 -27.91
CA SER B 81 12.42 -27.63 -27.17
C SER B 81 11.48 -28.72 -26.67
N GLU B 82 11.25 -29.77 -27.48
CA GLU B 82 10.34 -30.83 -27.05
C GLU B 82 10.83 -31.54 -25.79
N MET B 83 12.15 -31.57 -25.56
CA MET B 83 12.68 -32.29 -24.40
C MET B 83 12.20 -31.70 -23.08
N TRP B 84 11.66 -30.48 -23.09
CA TRP B 84 11.13 -29.82 -21.90
C TRP B 84 9.62 -29.96 -21.74
N ASN B 85 8.92 -30.35 -22.79
CA ASN B 85 7.47 -30.46 -22.77
C ASN B 85 7.03 -31.71 -22.01
N PRO B 86 5.81 -31.74 -21.50
CA PRO B 86 5.30 -32.96 -20.87
C PRO B 86 5.43 -34.15 -21.81
N ASN B 87 6.00 -35.25 -21.30
CA ASN B 87 6.10 -36.50 -22.06
C ASN B 87 5.09 -37.52 -21.57
N ARG B 88 4.18 -37.10 -20.70
CA ARG B 88 3.10 -37.95 -20.22
CA ARG B 88 3.10 -37.93 -20.18
C ARG B 88 1.81 -37.16 -20.36
N GLU B 89 0.68 -37.85 -20.15
CA GLU B 89 -0.60 -37.18 -20.20
C GLU B 89 -0.68 -36.12 -19.11
N MET B 90 -1.21 -34.96 -19.46
CA MET B 90 -1.43 -33.89 -18.49
C MET B 90 -2.74 -34.11 -17.74
N SER B 91 -2.70 -33.88 -16.43
CA SER B 91 -3.89 -33.99 -15.61
C SER B 91 -3.70 -33.18 -14.35
N GLU B 92 -4.80 -32.65 -13.82
CA GLU B 92 -4.74 -32.03 -12.49
C GLU B 92 -4.41 -33.08 -11.43
N ASP B 93 -4.69 -34.35 -11.71
CA ASP B 93 -4.28 -35.46 -10.88
C ASP B 93 -2.81 -35.74 -11.19
N CYS B 94 -1.92 -34.95 -10.55
CA CYS B 94 -0.51 -35.02 -10.90
C CYS B 94 0.45 -34.98 -9.71
N LEU B 95 -0.01 -35.11 -8.47
CA LEU B 95 0.88 -34.92 -7.32
C LEU B 95 1.46 -36.27 -6.92
N TYR B 96 2.59 -36.62 -7.55
CA TYR B 96 3.26 -37.89 -7.41
C TYR B 96 4.76 -37.66 -7.32
N LEU B 97 5.49 -38.64 -6.79
CA LEU B 97 6.94 -38.56 -6.76
C LEU B 97 7.54 -39.88 -7.24
N ASN B 98 8.81 -39.80 -7.62
CA ASN B 98 9.53 -40.95 -8.14
C ASN B 98 10.78 -41.15 -7.30
N ILE B 99 11.19 -42.41 -7.14
CA ILE B 99 12.35 -42.76 -6.32
C ILE B 99 13.22 -43.75 -7.08
N TRP B 100 14.52 -43.45 -7.18
CA TRP B 100 15.52 -44.40 -7.65
C TRP B 100 16.37 -44.83 -6.46
N VAL B 101 16.49 -46.15 -6.28
CA VAL B 101 17.13 -46.75 -5.12
C VAL B 101 18.23 -47.69 -5.61
N PRO B 102 19.47 -47.51 -5.16
CA PRO B 102 20.53 -48.46 -5.53
C PRO B 102 20.15 -49.89 -5.17
N SER B 103 20.67 -50.84 -5.95
CA SER B 103 20.43 -52.26 -5.74
C SER B 103 21.76 -52.97 -5.53
N PRO B 104 21.97 -53.68 -4.41
CA PRO B 104 20.98 -53.92 -3.34
C PRO B 104 20.64 -52.67 -2.54
N ARG B 105 19.48 -52.67 -1.88
CA ARG B 105 19.03 -51.48 -1.17
C ARG B 105 20.03 -51.13 -0.07
N PRO B 106 20.48 -49.88 0.01
CA PRO B 106 21.35 -49.49 1.12
C PRO B 106 20.56 -49.38 2.41
N LYS B 107 21.30 -49.23 3.52
CA LYS B 107 20.68 -49.25 4.83
C LYS B 107 20.11 -47.89 5.22
N SER B 108 20.94 -46.84 5.10
CA SER B 108 20.54 -45.49 5.48
C SER B 108 21.41 -44.47 4.75
N THR B 109 21.16 -44.26 3.46
CA THR B 109 22.06 -43.47 2.63
C THR B 109 21.50 -42.08 2.35
N THR B 110 22.38 -41.25 1.81
CA THR B 110 22.04 -39.87 1.47
C THR B 110 20.91 -39.82 0.46
N VAL B 111 20.01 -38.86 0.65
CA VAL B 111 18.85 -38.62 -0.20
C VAL B 111 19.01 -37.28 -0.91
N MET B 112 18.72 -37.27 -2.22
CA MET B 112 18.63 -36.04 -2.99
C MET B 112 17.23 -35.95 -3.58
N VAL B 113 16.56 -34.82 -3.37
CA VAL B 113 15.21 -34.60 -3.88
C VAL B 113 15.28 -33.50 -4.92
N TRP B 114 14.96 -33.86 -6.18
CA TRP B 114 14.96 -32.93 -7.30
C TRP B 114 13.64 -32.16 -7.38
N ILE B 115 13.72 -30.84 -7.54
CA ILE B 115 12.57 -29.97 -7.74
C ILE B 115 12.70 -29.33 -9.12
N TYR B 116 11.82 -29.70 -10.05
CA TYR B 116 11.97 -29.19 -11.41
C TYR B 116 11.67 -27.69 -11.48
N GLY B 117 12.29 -27.03 -12.47
CA GLY B 117 12.00 -25.66 -12.77
C GLY B 117 11.01 -25.54 -13.91
N GLY B 118 10.92 -24.32 -14.47
CA GLY B 118 9.96 -24.03 -15.51
C GLY B 118 9.16 -22.78 -15.25
N GLY B 119 9.78 -21.78 -14.61
CA GLY B 119 9.12 -20.50 -14.42
C GLY B 119 7.87 -20.52 -13.57
N PHE B 120 7.68 -21.58 -12.78
CA PHE B 120 6.46 -21.83 -12.02
C PHE B 120 5.23 -22.00 -12.91
N TYR B 121 5.39 -22.00 -14.24
CA TYR B 121 4.26 -22.22 -15.14
C TYR B 121 4.32 -23.56 -15.86
N SER B 122 5.42 -24.30 -15.74
CA SER B 122 5.61 -25.54 -16.49
C SER B 122 6.61 -26.40 -15.74
N GLY B 123 6.82 -27.61 -16.24
CA GLY B 123 7.79 -28.53 -15.65
C GLY B 123 7.16 -29.88 -15.40
N SER B 124 7.97 -30.93 -15.47
CA SER B 124 7.54 -32.30 -15.22
C SER B 124 8.67 -33.04 -14.53
N SER B 125 8.30 -33.98 -13.65
CA SER B 125 9.32 -34.83 -13.01
C SER B 125 9.81 -35.94 -13.94
N THR B 126 9.13 -36.16 -15.06
CA THR B 126 9.30 -37.34 -15.88
C THR B 126 10.16 -37.11 -17.12
N LEU B 127 10.73 -35.91 -17.28
CA LEU B 127 11.54 -35.63 -18.44
C LEU B 127 12.71 -36.60 -18.52
N ASP B 128 13.10 -36.94 -19.76
CA ASP B 128 14.26 -37.79 -19.95
C ASP B 128 15.49 -37.21 -19.26
N VAL B 129 15.65 -35.89 -19.30
CA VAL B 129 16.81 -35.24 -18.70
C VAL B 129 16.79 -35.26 -17.17
N TYR B 130 15.65 -35.57 -16.55
CA TYR B 130 15.60 -35.71 -15.09
C TYR B 130 15.59 -37.18 -14.66
N ASN B 131 15.90 -38.11 -15.56
CA ASN B 131 15.96 -39.52 -15.20
C ASN B 131 16.99 -39.74 -14.10
N GLY B 132 16.53 -40.19 -12.93
CA GLY B 132 17.39 -40.28 -11.77
C GLY B 132 18.34 -41.45 -11.73
N LYS B 133 18.27 -42.37 -12.70
CA LYS B 133 18.95 -43.65 -12.52
C LYS B 133 20.48 -43.54 -12.60
N TYR B 134 21.00 -42.61 -13.40
CA TYR B 134 22.45 -42.49 -13.51
C TYR B 134 23.07 -41.93 -12.24
N LEU B 135 22.43 -40.92 -11.64
CA LEU B 135 22.96 -40.34 -10.42
C LEU B 135 22.83 -41.30 -9.25
N ALA B 136 21.68 -41.95 -9.11
CA ALA B 136 21.48 -42.88 -8.00
C ALA B 136 22.45 -44.04 -8.08
N TYR B 137 22.63 -44.60 -9.28
CA TYR B 137 23.53 -45.74 -9.45
C TYR B 137 24.98 -45.32 -9.25
N THR B 138 25.41 -44.26 -9.94
CA THR B 138 26.83 -43.90 -9.94
C THR B 138 27.28 -43.42 -8.56
N GLU B 139 26.45 -42.65 -7.86
CA GLU B 139 26.87 -42.06 -6.59
C GLU B 139 26.25 -42.74 -5.38
N GLU B 140 25.44 -43.77 -5.59
CA GLU B 140 24.84 -44.55 -4.49
C GLU B 140 24.06 -43.65 -3.55
N VAL B 141 23.15 -42.87 -4.13
CA VAL B 141 22.21 -42.08 -3.34
C VAL B 141 20.80 -42.56 -3.69
N VAL B 142 19.87 -42.28 -2.79
CA VAL B 142 18.45 -42.42 -3.09
C VAL B 142 18.01 -41.10 -3.71
N LEU B 143 17.53 -41.16 -4.96
CA LEU B 143 17.18 -39.98 -5.75
C LEU B 143 15.66 -39.91 -5.89
N VAL B 144 15.08 -38.84 -5.36
CA VAL B 144 13.66 -38.58 -5.44
C VAL B 144 13.44 -37.41 -6.39
N SER B 145 12.44 -37.50 -7.26
CA SER B 145 11.95 -36.32 -7.96
C SER B 145 10.49 -36.11 -7.58
N LEU B 146 10.17 -34.92 -7.11
CA LEU B 146 8.81 -34.61 -6.72
C LEU B 146 8.10 -33.89 -7.85
N SER B 147 6.83 -33.55 -7.63
CA SER B 147 6.09 -32.72 -8.57
C SER B 147 5.31 -31.70 -7.78
N TYR B 148 4.82 -30.68 -8.48
CA TYR B 148 4.03 -29.65 -7.83
C TYR B 148 3.20 -28.93 -8.89
N ARG B 149 2.03 -28.44 -8.46
CA ARG B 149 1.15 -27.70 -9.34
C ARG B 149 1.83 -26.43 -9.82
N VAL B 150 1.69 -26.14 -11.12
CA VAL B 150 2.27 -24.97 -11.74
C VAL B 150 1.15 -24.10 -12.32
N GLY B 151 1.54 -22.92 -12.80
CA GLY B 151 0.57 -21.99 -13.34
C GLY B 151 -0.47 -21.59 -12.31
N ALA B 152 -1.64 -21.18 -12.81
CA ALA B 152 -2.73 -20.79 -11.93
C ALA B 152 -3.10 -21.88 -10.95
N PHE B 153 -2.99 -23.14 -11.35
CA PHE B 153 -3.37 -24.25 -10.49
C PHE B 153 -2.50 -24.31 -9.24
N GLY B 154 -1.26 -23.85 -9.34
CA GLY B 154 -0.39 -23.91 -8.18
C GLY B 154 -0.19 -22.58 -7.51
N PHE B 155 -0.51 -21.49 -8.20
CA PHE B 155 -0.08 -20.20 -7.67
C PHE B 155 -1.10 -19.08 -7.85
N LEU B 156 -2.34 -19.37 -8.22
CA LEU B 156 -3.40 -18.38 -8.07
C LEU B 156 -3.46 -17.91 -6.63
N ALA B 157 -3.49 -16.60 -6.43
CA ALA B 157 -3.33 -16.04 -5.08
C ALA B 157 -4.36 -14.94 -4.87
N LEU B 158 -5.33 -15.21 -4.01
CA LEU B 158 -6.32 -14.23 -3.57
C LEU B 158 -6.19 -14.11 -2.06
N HIS B 159 -5.21 -13.32 -1.61
CA HIS B 159 -4.86 -13.30 -0.20
C HIS B 159 -6.04 -12.92 0.67
N GLY B 160 -6.25 -13.69 1.75
CA GLY B 160 -7.43 -13.53 2.57
C GLY B 160 -8.36 -14.72 2.38
N SER B 161 -8.41 -15.23 1.16
CA SER B 161 -9.18 -16.43 0.87
C SER B 161 -8.43 -17.66 1.36
N GLN B 162 -9.18 -18.63 1.91
CA GLN B 162 -8.62 -19.93 2.24
C GLN B 162 -8.83 -20.94 1.12
N GLU B 163 -9.58 -20.59 0.09
CA GLU B 163 -9.83 -21.47 -1.03
C GLU B 163 -8.78 -21.32 -2.13
N ALA B 164 -8.21 -20.13 -2.28
CA ALA B 164 -7.13 -19.87 -3.22
C ALA B 164 -6.15 -18.94 -2.53
N PRO B 165 -5.41 -19.44 -1.54
CA PRO B 165 -4.56 -18.55 -0.74
C PRO B 165 -3.27 -18.13 -1.43
N GLY B 166 -2.84 -18.87 -2.44
CA GLY B 166 -1.53 -18.68 -3.02
C GLY B 166 -0.52 -19.69 -2.48
N ASN B 167 0.59 -19.83 -3.20
CA ASN B 167 1.72 -20.66 -2.79
C ASN B 167 1.40 -22.14 -2.68
N VAL B 168 0.26 -22.61 -3.20
CA VAL B 168 -0.07 -24.01 -2.95
C VAL B 168 0.87 -24.95 -3.69
N GLY B 169 1.49 -24.51 -4.79
CA GLY B 169 2.53 -25.32 -5.41
C GLY B 169 3.74 -25.51 -4.50
N LEU B 170 4.09 -24.48 -3.72
CA LEU B 170 5.17 -24.64 -2.75
C LEU B 170 4.76 -25.60 -1.64
N LEU B 171 3.48 -25.59 -1.25
CA LEU B 171 2.99 -26.54 -0.26
C LEU B 171 2.96 -27.96 -0.80
N ASP B 172 2.67 -28.12 -2.10
CA ASP B 172 2.84 -29.41 -2.74
C ASP B 172 4.25 -29.93 -2.55
N GLN B 173 5.25 -29.08 -2.88
CA GLN B 173 6.65 -29.47 -2.68
C GLN B 173 6.89 -29.84 -1.23
N ARG B 174 6.41 -29.01 -0.31
CA ARG B 174 6.60 -29.29 1.12
C ARG B 174 5.98 -30.62 1.50
N MET B 175 4.78 -30.92 0.99
CA MET B 175 4.15 -32.17 1.37
C MET B 175 4.93 -33.36 0.84
N ALA B 176 5.52 -33.23 -0.36
CA ALA B 176 6.41 -34.28 -0.85
C ALA B 176 7.64 -34.41 0.04
N LEU B 177 8.19 -33.28 0.50
CA LEU B 177 9.30 -33.33 1.47
C LEU B 177 8.86 -33.99 2.77
N GLN B 178 7.65 -33.68 3.24
CA GLN B 178 7.14 -34.36 4.44
C GLN B 178 7.00 -35.86 4.20
N TRP B 179 6.54 -36.25 3.00
CA TRP B 179 6.43 -37.67 2.69
C TRP B 179 7.80 -38.35 2.73
N VAL B 180 8.80 -37.70 2.14
CA VAL B 180 10.17 -38.23 2.18
C VAL B 180 10.64 -38.35 3.63
N HIS B 181 10.39 -37.32 4.44
CA HIS B 181 10.75 -37.35 5.84
C HIS B 181 10.17 -38.56 6.55
N ASP B 182 8.91 -38.89 6.24
CA ASP B 182 8.20 -39.96 6.93
C ASP B 182 8.47 -41.34 6.36
N ASN B 183 8.88 -41.43 5.10
CA ASN B 183 8.84 -42.70 4.39
C ASN B 183 10.15 -43.12 3.74
N ILE B 184 11.12 -42.23 3.56
CA ILE B 184 12.28 -42.62 2.75
C ILE B 184 13.14 -43.67 3.46
N GLN B 185 13.05 -43.75 4.79
CA GLN B 185 13.79 -44.80 5.50
C GLN B 185 13.39 -46.19 5.02
N PHE B 186 12.16 -46.35 4.52
CA PHE B 186 11.71 -47.66 4.07
C PHE B 186 12.32 -48.05 2.74
N PHE B 187 12.96 -47.10 2.06
CA PHE B 187 13.65 -47.33 0.80
C PHE B 187 15.16 -47.28 0.96
N GLY B 188 15.65 -47.22 2.20
CA GLY B 188 17.08 -47.18 2.43
C GLY B 188 17.69 -45.79 2.46
N GLY B 189 16.87 -44.75 2.60
CA GLY B 189 17.36 -43.39 2.68
C GLY B 189 17.35 -42.88 4.11
N ASP B 190 18.29 -41.98 4.41
CA ASP B 190 18.38 -41.36 5.72
C ASP B 190 17.56 -40.07 5.72
N PRO B 191 16.42 -40.00 6.40
CA PRO B 191 15.66 -38.75 6.44
C PRO B 191 16.40 -37.58 7.08
N LYS B 192 17.48 -37.83 7.81
CA LYS B 192 18.26 -36.74 8.39
C LYS B 192 19.34 -36.21 7.44
N THR B 193 19.48 -36.79 6.25
CA THR B 193 20.49 -36.36 5.29
C THR B 193 19.84 -36.23 3.90
N VAL B 194 18.83 -35.36 3.82
CA VAL B 194 18.13 -35.08 2.57
C VAL B 194 18.65 -33.75 2.01
N THR B 195 19.16 -33.77 0.78
CA THR B 195 19.48 -32.56 0.05
C THR B 195 18.36 -32.28 -0.95
N ILE B 196 17.81 -31.07 -0.90
CA ILE B 196 16.91 -30.63 -1.96
C ILE B 196 17.74 -29.88 -3.00
N PHE B 197 17.49 -30.18 -4.28
CA PHE B 197 18.16 -29.44 -5.34
C PHE B 197 17.17 -29.18 -6.48
N GLY B 198 17.38 -28.05 -7.17
CA GLY B 198 16.46 -27.70 -8.24
C GLY B 198 17.09 -26.64 -9.10
N GLU B 199 16.53 -26.48 -10.31
CA GLU B 199 17.05 -25.53 -11.29
C GLU B 199 15.97 -24.53 -11.64
N SER B 200 16.36 -23.30 -11.96
CA SER B 200 15.42 -22.25 -12.38
C SER B 200 14.37 -22.08 -11.28
N ALA B 201 13.07 -22.21 -11.58
CA ALA B 201 12.05 -22.08 -10.52
C ALA B 201 12.26 -23.12 -9.43
N GLY B 202 12.83 -24.27 -9.77
CA GLY B 202 13.18 -25.24 -8.74
C GLY B 202 14.27 -24.76 -7.82
N GLY B 203 15.24 -24.01 -8.36
CA GLY B 203 16.28 -23.43 -7.52
C GLY B 203 15.74 -22.31 -6.64
N ALA B 204 14.89 -21.46 -7.21
CA ALA B 204 14.18 -20.48 -6.38
C ALA B 204 13.37 -21.18 -5.29
N SER B 205 12.66 -22.26 -5.65
CA SER B 205 11.88 -23.03 -4.67
C SER B 205 12.76 -23.52 -3.53
N VAL B 206 13.92 -24.10 -3.88
CA VAL B 206 14.86 -24.57 -2.85
C VAL B 206 15.19 -23.43 -1.89
N GLY B 207 15.54 -22.27 -2.43
CA GLY B 207 15.82 -21.13 -1.57
C GLY B 207 14.62 -20.72 -0.74
N MET B 208 13.42 -20.89 -1.29
CA MET B 208 12.21 -20.50 -0.58
C MET B 208 11.94 -21.44 0.60
N HIS B 209 12.30 -22.72 0.47
CA HIS B 209 12.18 -23.64 1.61
C HIS B 209 13.23 -23.36 2.67
N ILE B 210 14.42 -22.91 2.26
CA ILE B 210 15.40 -22.42 3.22
C ILE B 210 14.80 -21.29 4.05
N LEU B 211 14.05 -20.40 3.39
CA LEU B 211 13.49 -19.23 4.06
C LEU B 211 12.29 -19.59 4.92
N SER B 212 11.39 -20.42 4.42
CA SER B 212 10.10 -20.60 5.06
C SER B 212 10.22 -21.47 6.31
N PRO B 213 9.80 -20.97 7.48
CA PRO B 213 9.94 -21.78 8.70
C PRO B 213 9.27 -23.14 8.62
N GLY B 214 8.14 -23.22 7.94
CA GLY B 214 7.41 -24.48 7.78
C GLY B 214 8.12 -25.52 6.95
N SER B 215 9.19 -25.16 6.24
CA SER B 215 9.93 -26.12 5.42
C SER B 215 11.27 -26.52 5.99
N ARG B 216 11.85 -25.72 6.88
CA ARG B 216 13.27 -25.81 7.20
C ARG B 216 13.64 -27.18 7.77
N ASP B 217 12.75 -27.77 8.56
CA ASP B 217 13.12 -29.02 9.23
C ASP B 217 12.94 -30.25 8.36
N LEU B 218 12.55 -30.09 7.09
CA LEU B 218 12.28 -31.22 6.22
C LEU B 218 13.43 -31.53 5.26
N PHE B 219 14.60 -30.95 5.48
CA PHE B 219 15.77 -31.25 4.66
C PHE B 219 17.01 -30.79 5.41
N ARG B 220 18.16 -31.30 4.98
CA ARG B 220 19.44 -31.06 5.64
C ARG B 220 20.23 -29.93 4.99
N ARG B 221 20.33 -29.93 3.67
CA ARG B 221 21.09 -28.93 2.94
C ARG B 221 20.51 -28.76 1.54
N ALA B 222 21.10 -27.86 0.76
CA ALA B 222 20.40 -27.37 -0.42
C ALA B 222 21.35 -27.03 -1.57
N ILE B 223 20.91 -27.32 -2.80
CA ILE B 223 21.62 -26.96 -4.02
C ILE B 223 20.68 -26.13 -4.89
N LEU B 224 21.18 -24.99 -5.38
CA LEU B 224 20.39 -24.08 -6.21
C LEU B 224 21.09 -23.86 -7.55
N GLN B 225 20.39 -24.17 -8.65
CA GLN B 225 20.98 -24.08 -9.99
C GLN B 225 20.22 -22.99 -10.77
N SER B 226 20.90 -21.87 -11.06
CA SER B 226 20.32 -20.84 -11.92
C SER B 226 18.96 -20.37 -11.41
N GLY B 227 18.86 -20.19 -10.11
CA GLY B 227 17.63 -19.68 -9.54
C GLY B 227 17.83 -19.39 -8.06
N SER B 228 17.13 -18.40 -7.54
CA SER B 228 17.25 -18.05 -6.13
C SER B 228 15.93 -17.37 -5.74
N PRO B 229 15.61 -17.36 -4.44
CA PRO B 229 14.24 -16.96 -4.06
C PRO B 229 13.93 -15.51 -4.32
N ASN B 230 14.95 -14.65 -4.38
CA ASN B 230 14.82 -13.22 -4.59
C ASN B 230 14.81 -12.81 -6.07
N CYS B 231 14.78 -13.78 -7.00
CA CYS B 231 14.78 -13.42 -8.42
C CYS B 231 13.56 -12.57 -8.76
N PRO B 232 13.70 -11.59 -9.65
CA PRO B 232 12.58 -10.66 -9.89
C PRO B 232 11.35 -11.34 -10.47
N TRP B 233 11.52 -12.49 -11.12
CA TRP B 233 10.42 -13.25 -11.68
C TRP B 233 9.81 -14.24 -10.70
N ALA B 234 10.44 -14.47 -9.54
CA ALA B 234 10.06 -15.63 -8.73
C ALA B 234 9.00 -15.33 -7.68
N SER B 235 8.59 -14.08 -7.49
CA SER B 235 7.52 -13.81 -6.55
C SER B 235 6.81 -12.52 -6.92
N VAL B 236 5.60 -12.36 -6.41
CA VAL B 236 4.83 -11.13 -6.53
C VAL B 236 4.26 -10.78 -5.16
N SER B 237 3.82 -9.52 -5.04
CA SER B 237 3.13 -9.08 -3.83
C SER B 237 1.70 -9.61 -3.81
N VAL B 238 1.10 -9.56 -2.61
CA VAL B 238 -0.30 -9.99 -2.47
C VAL B 238 -1.19 -9.16 -3.37
N ALA B 239 -0.94 -7.84 -3.45
CA ALA B 239 -1.73 -6.98 -4.32
C ALA B 239 -1.61 -7.40 -5.78
N GLU B 240 -0.39 -7.64 -6.25
CA GLU B 240 -0.19 -8.01 -7.65
C GLU B 240 -0.76 -9.41 -7.92
N GLY B 241 -0.60 -10.34 -6.97
CA GLY B 241 -1.22 -11.64 -7.15
C GLY B 241 -2.72 -11.56 -7.25
N ARG B 242 -3.34 -10.76 -6.38
CA ARG B 242 -4.78 -10.54 -6.46
C ARG B 242 -5.18 -9.94 -7.80
N ARG B 243 -4.44 -8.92 -8.26
CA ARG B 243 -4.76 -8.28 -9.54
C ARG B 243 -4.69 -9.29 -10.68
N ARG B 244 -3.66 -10.14 -10.70
CA ARG B 244 -3.54 -11.10 -11.78
C ARG B 244 -4.64 -12.15 -11.72
N ALA B 245 -5.07 -12.53 -10.51
CA ALA B 245 -6.17 -13.48 -10.39
C ALA B 245 -7.48 -12.89 -10.88
N VAL B 246 -7.77 -11.65 -10.48
CA VAL B 246 -8.99 -10.99 -10.93
C VAL B 246 -8.96 -10.82 -12.45
N GLU B 247 -7.79 -10.48 -13.01
CA GLU B 247 -7.67 -10.33 -14.46
C GLU B 247 -7.84 -11.67 -15.18
N LEU B 248 -7.46 -12.77 -14.53
CA LEU B 248 -7.73 -14.08 -15.11
C LEU B 248 -9.23 -14.33 -15.21
N GLY B 249 -9.97 -13.92 -14.18
CA GLY B 249 -11.42 -14.04 -14.24
C GLY B 249 -12.04 -13.12 -15.29
N ARG B 250 -11.50 -11.91 -15.41
CA ARG B 250 -12.00 -10.98 -16.43
C ARG B 250 -11.81 -11.55 -17.84
N ASN B 251 -10.66 -12.17 -18.10
CA ASN B 251 -10.42 -12.83 -19.38
C ASN B 251 -11.38 -13.98 -19.65
N LEU B 252 -12.08 -14.48 -18.63
CA LEU B 252 -12.95 -15.64 -18.80
C LEU B 252 -14.41 -15.33 -18.47
N ASN B 253 -14.80 -14.05 -18.51
CA ASN B 253 -16.18 -13.63 -18.26
C ASN B 253 -16.67 -14.09 -16.89
N CYS B 254 -15.82 -13.98 -15.89
CA CYS B 254 -16.15 -14.44 -14.55
C CYS B 254 -16.82 -13.32 -13.74
N ASN B 255 -17.73 -13.73 -12.88
CA ASN B 255 -18.23 -12.85 -11.82
C ASN B 255 -17.06 -12.42 -10.94
N LEU B 256 -16.81 -11.11 -10.86
CA LEU B 256 -15.69 -10.58 -10.11
C LEU B 256 -16.12 -9.89 -8.82
N ASN B 257 -17.33 -10.16 -8.33
CA ASN B 257 -17.84 -9.42 -7.18
C ASN B 257 -17.12 -9.81 -5.90
N SER B 258 -16.75 -11.08 -5.77
CA SER B 258 -16.12 -11.57 -4.54
C SER B 258 -15.14 -12.68 -4.88
N ASP B 259 -14.22 -12.93 -3.94
CA ASP B 259 -13.31 -14.06 -4.07
C ASP B 259 -14.08 -15.36 -4.28
N GLU B 260 -15.11 -15.60 -3.48
CA GLU B 260 -15.87 -16.84 -3.59
C GLU B 260 -16.47 -17.01 -4.97
N GLU B 261 -17.05 -15.95 -5.52
CA GLU B 261 -17.67 -16.06 -6.85
C GLU B 261 -16.62 -16.19 -7.93
N LEU B 262 -15.54 -15.41 -7.85
CA LEU B 262 -14.44 -15.53 -8.80
C LEU B 262 -13.85 -16.94 -8.77
N ILE B 263 -13.51 -17.43 -7.58
CA ILE B 263 -12.96 -18.77 -7.44
C ILE B 263 -13.93 -19.81 -7.99
N HIS B 264 -15.21 -19.69 -7.63
CA HIS B 264 -16.19 -20.67 -8.11
C HIS B 264 -16.26 -20.70 -9.63
N CYS B 265 -16.23 -19.52 -10.26
CA CYS B 265 -16.18 -19.45 -11.71
C CYS B 265 -14.93 -20.14 -12.25
N LEU B 266 -13.77 -19.83 -11.68
CA LEU B 266 -12.52 -20.41 -12.18
C LEU B 266 -12.46 -21.92 -11.97
N ARG B 267 -13.07 -22.42 -10.89
CA ARG B 267 -13.08 -23.86 -10.65
C ARG B 267 -13.94 -24.63 -11.65
N GLU B 268 -14.88 -23.96 -12.31
CA GLU B 268 -15.74 -24.65 -13.26
C GLU B 268 -15.17 -24.68 -14.67
N LYS B 269 -14.05 -24.00 -14.92
CA LYS B 269 -13.42 -24.02 -16.23
C LYS B 269 -12.57 -25.27 -16.41
N LYS B 270 -12.55 -25.77 -17.65
CA LYS B 270 -11.58 -26.79 -18.02
C LYS B 270 -10.16 -26.24 -17.83
N PRO B 271 -9.19 -27.10 -17.50
CA PRO B 271 -7.83 -26.61 -17.25
C PRO B 271 -7.27 -25.81 -18.43
N GLN B 272 -7.47 -26.29 -19.65
CA GLN B 272 -6.90 -25.62 -20.82
C GLN B 272 -7.47 -24.22 -21.00
N GLU B 273 -8.70 -23.98 -20.54
CA GLU B 273 -9.27 -22.63 -20.64
C GLU B 273 -8.47 -21.64 -19.81
N LEU B 274 -8.01 -22.06 -18.63
CA LEU B 274 -7.15 -21.19 -17.82
C LEU B 274 -5.82 -20.96 -18.51
N ILE B 275 -5.20 -22.04 -19.01
CA ILE B 275 -3.89 -21.95 -19.63
C ILE B 275 -3.93 -21.04 -20.86
N ASP B 276 -5.03 -21.10 -21.61
CA ASP B 276 -5.12 -20.33 -22.85
C ASP B 276 -5.06 -18.83 -22.63
N VAL B 277 -5.42 -18.34 -21.45
CA VAL B 277 -5.38 -16.91 -21.16
C VAL B 277 -4.33 -16.56 -20.10
N GLU B 278 -3.51 -17.53 -19.71
CA GLU B 278 -2.56 -17.36 -18.59
C GLU B 278 -1.66 -16.17 -18.81
N TRP B 279 -1.06 -16.06 -20.00
CA TRP B 279 -0.12 -14.98 -20.27
C TRP B 279 -0.77 -13.61 -20.40
N ASN B 280 -2.11 -13.55 -20.53
CA ASN B 280 -2.79 -12.27 -20.70
C ASN B 280 -2.76 -11.41 -19.44
N VAL B 281 -2.47 -11.99 -18.27
CA VAL B 281 -2.57 -11.24 -17.02
C VAL B 281 -1.27 -10.55 -16.63
N LEU B 282 -0.19 -10.73 -17.39
CA LEU B 282 1.05 -10.06 -17.07
C LEU B 282 0.87 -8.55 -17.23
N PRO B 283 1.52 -7.74 -16.40
CA PRO B 283 1.30 -6.29 -16.49
C PRO B 283 1.99 -5.64 -17.68
N PHE B 284 3.06 -6.23 -18.20
CA PHE B 284 3.81 -5.60 -19.27
C PHE B 284 4.24 -6.63 -20.30
N ASP B 285 4.42 -6.17 -21.53
CA ASP B 285 5.17 -6.95 -22.50
C ASP B 285 6.56 -7.20 -21.92
N SER B 286 6.97 -8.47 -21.87
CA SER B 286 8.18 -8.79 -21.13
C SER B 286 8.70 -10.14 -21.56
N ILE B 287 9.96 -10.40 -21.19
CA ILE B 287 10.54 -11.73 -21.25
C ILE B 287 11.02 -12.05 -19.84
N PHE B 288 11.12 -13.35 -19.55
CA PHE B 288 11.52 -13.81 -18.21
C PHE B 288 10.58 -13.27 -17.14
N ARG B 289 9.28 -13.20 -17.46
CA ARG B 289 8.24 -12.93 -16.48
C ARG B 289 7.11 -13.94 -16.65
N PHE B 290 6.55 -14.39 -15.52
CA PHE B 290 5.56 -15.47 -15.51
C PHE B 290 4.39 -15.06 -14.63
N SER B 291 3.19 -15.52 -15.02
CA SER B 291 1.97 -14.94 -14.47
C SER B 291 1.74 -15.38 -13.03
N PHE B 292 1.76 -16.67 -12.75
CA PHE B 292 1.34 -17.17 -11.44
C PHE B 292 2.55 -17.77 -10.75
N VAL B 293 3.06 -17.05 -9.76
CA VAL B 293 4.31 -17.38 -9.07
C VAL B 293 4.06 -17.25 -7.56
N PRO B 294 5.00 -17.69 -6.72
CA PRO B 294 4.85 -17.50 -5.27
C PRO B 294 4.50 -16.07 -4.89
N VAL B 295 3.74 -15.92 -3.81
CA VAL B 295 3.31 -14.62 -3.32
C VAL B 295 3.88 -14.39 -1.92
N ILE B 296 4.34 -13.17 -1.66
CA ILE B 296 4.84 -12.79 -0.34
C ILE B 296 3.64 -12.54 0.57
N ASP B 297 3.25 -13.56 1.33
CA ASP B 297 1.93 -13.66 1.92
C ASP B 297 1.89 -13.39 3.42
N GLY B 298 3.03 -13.37 4.11
CA GLY B 298 3.01 -13.27 5.55
C GLY B 298 2.83 -14.58 6.27
N GLU B 299 2.78 -15.71 5.56
CA GLU B 299 2.61 -17.01 6.19
C GLU B 299 3.70 -17.98 5.73
N PHE B 300 3.67 -18.40 4.47
CA PHE B 300 4.80 -19.15 3.93
C PHE B 300 6.08 -18.33 4.00
N PHE B 301 5.97 -17.03 3.73
CA PHE B 301 7.06 -16.10 3.96
C PHE B 301 6.63 -15.11 5.03
N PRO B 302 7.15 -15.21 6.26
CA PRO B 302 6.65 -14.33 7.33
C PRO B 302 6.82 -12.86 7.05
N THR B 303 7.91 -12.44 6.41
CA THR B 303 8.11 -11.06 6.04
C THR B 303 8.73 -11.02 4.64
N SER B 304 9.11 -9.82 4.20
CA SER B 304 9.75 -9.66 2.91
C SER B 304 11.00 -10.54 2.82
N LEU B 305 11.29 -11.01 1.60
CA LEU B 305 12.48 -11.84 1.41
C LEU B 305 13.73 -11.08 1.83
N GLU B 306 13.80 -9.80 1.51
CA GLU B 306 15.00 -9.03 1.85
C GLU B 306 15.17 -8.88 3.36
N SER B 307 14.09 -8.58 4.09
CA SER B 307 14.21 -8.49 5.55
C SER B 307 14.64 -9.82 6.15
N MET B 308 14.09 -10.94 5.66
CA MET B 308 14.50 -12.25 6.16
C MET B 308 15.98 -12.52 5.88
N LEU B 309 16.44 -12.19 4.67
CA LEU B 309 17.85 -12.34 4.35
C LEU B 309 18.71 -11.47 5.26
N ASN B 310 18.27 -10.23 5.50
CA ASN B 310 19.07 -9.31 6.31
C ASN B 310 19.16 -9.76 7.75
N SER B 311 18.06 -10.27 8.31
CA SER B 311 18.03 -10.64 9.71
C SER B 311 18.59 -12.02 9.99
N GLY B 312 18.92 -12.79 8.96
CA GLY B 312 19.30 -14.17 9.20
C GLY B 312 18.13 -15.08 9.51
N ASN B 313 16.91 -14.68 9.16
CA ASN B 313 15.71 -15.47 9.40
C ASN B 313 15.57 -16.52 8.31
N PHE B 314 16.42 -17.54 8.38
CA PHE B 314 16.37 -18.64 7.44
C PHE B 314 17.15 -19.80 8.03
N LYS B 315 17.00 -20.96 7.39
CA LYS B 315 17.72 -22.16 7.80
C LYS B 315 19.21 -21.98 7.60
N LYS B 316 19.98 -22.25 8.65
CA LYS B 316 21.43 -22.11 8.60
C LYS B 316 22.05 -23.48 8.38
N THR B 317 22.57 -23.68 7.17
CA THR B 317 23.17 -24.95 6.80
C THR B 317 24.19 -24.68 5.70
N GLN B 318 24.56 -25.72 4.95
CA GLN B 318 25.46 -25.58 3.81
C GLN B 318 24.64 -25.44 2.53
N ILE B 319 25.16 -24.66 1.57
CA ILE B 319 24.54 -24.56 0.26
C ILE B 319 25.61 -24.64 -0.81
N LEU B 320 25.21 -25.19 -1.96
CA LEU B 320 26.03 -25.22 -3.17
C LEU B 320 25.15 -24.67 -4.28
N LEU B 321 25.67 -23.72 -5.06
CA LEU B 321 24.79 -23.06 -6.01
C LEU B 321 25.63 -22.40 -7.09
N GLY B 322 24.98 -22.04 -8.19
CA GLY B 322 25.71 -21.41 -9.27
C GLY B 322 24.81 -21.07 -10.44
N VAL B 323 25.45 -20.63 -11.52
CA VAL B 323 24.79 -20.09 -12.70
C VAL B 323 25.51 -20.60 -13.95
N ASN B 324 24.86 -20.39 -15.10
CA ASN B 324 25.41 -20.72 -16.41
C ASN B 324 25.84 -19.45 -17.11
N LYS B 325 26.75 -19.60 -18.07
CA LYS B 325 27.34 -18.40 -18.66
C LYS B 325 26.32 -17.59 -19.45
N ASP B 326 25.36 -18.23 -20.13
CA ASP B 326 24.48 -17.49 -21.04
C ASP B 326 23.02 -17.72 -20.69
N GLU B 327 22.64 -17.32 -19.46
CA GLU B 327 21.30 -17.60 -18.96
C GLU B 327 20.22 -16.93 -19.81
N GLY B 328 20.56 -15.84 -20.49
CA GLY B 328 19.52 -15.05 -21.14
C GLY B 328 19.08 -15.53 -22.52
N SER B 329 19.88 -16.36 -23.19
CA SER B 329 19.67 -16.56 -24.63
C SER B 329 18.33 -17.25 -24.95
N PHE B 330 17.94 -18.23 -24.12
CA PHE B 330 16.65 -18.90 -24.32
C PHE B 330 15.50 -17.90 -24.36
N PHE B 331 15.47 -16.96 -23.41
CA PHE B 331 14.36 -16.02 -23.33
C PHE B 331 14.39 -15.00 -24.44
N LEU B 332 15.58 -14.65 -24.92
CA LEU B 332 15.67 -13.73 -26.06
C LEU B 332 15.21 -14.42 -27.34
N LEU B 333 15.65 -15.66 -27.55
CA LEU B 333 15.23 -16.41 -28.74
C LEU B 333 13.71 -16.44 -28.84
N TYR B 334 13.04 -16.64 -27.71
CA TYR B 334 11.60 -16.86 -27.73
C TYR B 334 10.80 -15.56 -27.67
N GLY B 335 11.38 -14.47 -27.19
CA GLY B 335 10.57 -13.30 -26.92
C GLY B 335 11.07 -11.95 -27.42
N ALA B 336 12.27 -11.89 -28.00
CA ALA B 336 12.82 -10.57 -28.34
C ALA B 336 13.09 -10.44 -29.83
N PRO B 337 12.89 -9.25 -30.40
CA PRO B 337 13.02 -9.09 -31.86
C PRO B 337 14.46 -9.23 -32.31
N GLY B 338 14.64 -9.89 -33.47
CA GLY B 338 15.92 -10.07 -34.09
C GLY B 338 16.61 -11.38 -33.80
N PHE B 339 16.09 -12.17 -32.87
CA PHE B 339 16.69 -13.44 -32.49
C PHE B 339 16.02 -14.57 -33.25
N SER B 340 16.82 -15.54 -33.68
CA SER B 340 16.31 -16.66 -34.44
C SER B 340 17.15 -17.88 -34.15
N LYS B 341 16.49 -19.04 -34.20
CA LYS B 341 17.17 -20.32 -34.01
C LYS B 341 18.08 -20.63 -35.19
N ASP B 342 17.80 -20.06 -36.37
CA ASP B 342 18.46 -20.43 -37.61
C ASP B 342 19.38 -19.35 -38.14
N SER B 343 19.82 -18.43 -37.30
CA SER B 343 20.72 -17.36 -37.73
C SER B 343 21.56 -16.95 -36.54
N GLU B 344 22.59 -16.16 -36.83
CA GLU B 344 23.49 -15.67 -35.80
C GLU B 344 22.86 -14.60 -34.94
N SER B 345 21.69 -14.08 -35.33
CA SER B 345 20.90 -13.17 -34.52
C SER B 345 21.70 -11.93 -34.15
N LYS B 346 22.38 -11.36 -35.13
CA LYS B 346 22.97 -10.04 -34.91
C LYS B 346 21.84 -9.03 -34.72
N ILE B 347 21.97 -8.21 -33.70
CA ILE B 347 20.89 -7.37 -33.21
C ILE B 347 21.19 -5.93 -33.61
N SER B 348 20.25 -5.29 -34.31
CA SER B 348 20.37 -3.87 -34.60
C SER B 348 20.23 -3.06 -33.32
N ARG B 349 20.69 -1.80 -33.40
CA ARG B 349 20.50 -0.87 -32.30
C ARG B 349 19.04 -0.73 -31.93
N GLU B 350 18.16 -0.65 -32.93
CA GLU B 350 16.73 -0.54 -32.69
C GLU B 350 16.21 -1.77 -31.92
N ASP B 351 16.57 -2.96 -32.38
CA ASP B 351 16.14 -4.18 -31.68
C ASP B 351 16.80 -4.30 -30.31
N PHE B 352 18.03 -3.79 -30.16
CA PHE B 352 18.65 -3.76 -28.83
C PHE B 352 17.80 -2.96 -27.86
N MET B 353 17.43 -1.74 -28.24
CA MET B 353 16.63 -0.91 -27.34
C MET B 353 15.29 -1.56 -27.04
N SER B 354 14.67 -2.21 -28.04
CA SER B 354 13.44 -2.95 -27.80
C SER B 354 13.65 -4.07 -26.80
N GLY B 355 14.74 -4.82 -26.95
CA GLY B 355 15.03 -5.90 -26.01
C GLY B 355 15.27 -5.41 -24.60
N VAL B 356 15.89 -4.24 -24.45
CA VAL B 356 16.15 -3.73 -23.10
C VAL B 356 14.83 -3.49 -22.38
N LYS B 357 13.86 -2.89 -23.08
CA LYS B 357 12.58 -2.59 -22.44
C LYS B 357 11.82 -3.88 -22.11
N LEU B 358 11.92 -4.89 -22.98
CA LEU B 358 11.30 -6.19 -22.67
C LEU B 358 11.99 -6.87 -21.49
N SER B 359 13.30 -6.68 -21.34
CA SER B 359 14.05 -7.35 -20.30
C SER B 359 13.87 -6.70 -18.94
N VAL B 360 13.67 -5.39 -18.89
CA VAL B 360 13.47 -4.68 -17.64
C VAL B 360 12.12 -3.99 -17.72
N PRO B 361 11.01 -4.75 -17.71
CA PRO B 361 9.71 -4.13 -18.03
C PRO B 361 9.24 -3.16 -16.96
N HIS B 362 9.71 -3.30 -15.73
CA HIS B 362 9.27 -2.46 -14.63
C HIS B 362 10.01 -1.12 -14.56
N ALA B 363 11.02 -0.89 -15.39
CA ALA B 363 11.87 0.28 -15.24
C ALA B 363 11.29 1.50 -15.95
N ASN B 364 11.45 2.67 -15.33
CA ASN B 364 11.12 3.92 -16.00
C ASN B 364 12.17 4.24 -17.07
N ASP B 365 11.94 5.34 -17.80
CA ASP B 365 12.85 5.68 -18.89
C ASP B 365 14.27 5.94 -18.38
N LEU B 366 14.39 6.59 -17.23
CA LEU B 366 15.72 6.81 -16.64
C LEU B 366 16.40 5.49 -16.33
N GLY B 367 15.64 4.51 -15.82
CA GLY B 367 16.21 3.21 -15.58
C GLY B 367 16.61 2.51 -16.86
N LEU B 368 15.80 2.65 -17.91
CA LEU B 368 16.16 2.05 -19.20
C LEU B 368 17.44 2.67 -19.74
N ASP B 369 17.57 4.00 -19.63
CA ASP B 369 18.82 4.66 -20.01
C ASP B 369 20.02 4.11 -19.24
N ALA B 370 19.85 3.89 -17.94
CA ALA B 370 20.96 3.37 -17.13
C ALA B 370 21.39 2.00 -17.62
N VAL B 371 20.42 1.10 -17.87
CA VAL B 371 20.73 -0.22 -18.37
C VAL B 371 21.44 -0.13 -19.70
N THR B 372 20.91 0.70 -20.60
CA THR B 372 21.50 0.85 -21.92
C THR B 372 22.94 1.31 -21.83
N LEU B 373 23.18 2.38 -21.08
CA LEU B 373 24.52 2.93 -20.98
C LEU B 373 25.49 1.90 -20.40
N GLN B 374 25.02 1.13 -19.44
CA GLN B 374 25.89 0.18 -18.77
C GLN B 374 26.28 -0.96 -19.70
N TYR B 375 25.46 -1.30 -20.69
CA TYR B 375 25.72 -2.43 -21.56
C TYR B 375 26.02 -2.05 -23.00
N THR B 376 26.24 -0.77 -23.30
CA THR B 376 26.50 -0.34 -24.66
C THR B 376 27.93 0.14 -24.80
N ASP B 377 28.61 -0.38 -25.81
CA ASP B 377 29.92 0.12 -26.22
C ASP B 377 29.69 1.25 -27.20
N TRP B 378 29.81 2.49 -26.72
CA TRP B 378 29.53 3.64 -27.58
C TRP B 378 30.65 3.94 -28.58
N MET B 379 31.78 3.23 -28.53
CA MET B 379 32.69 3.26 -29.66
C MET B 379 32.23 2.40 -30.83
N ASP B 380 31.20 1.58 -30.63
CA ASP B 380 30.88 0.51 -31.57
C ASP B 380 29.42 0.11 -31.42
N ASP B 381 28.52 1.09 -31.40
CA ASP B 381 27.15 0.81 -30.97
C ASP B 381 26.33 0.07 -32.00
N ASN B 382 26.79 -0.02 -33.24
CA ASN B 382 26.04 -0.75 -34.27
C ASN B 382 26.59 -2.16 -34.49
N ASN B 383 27.47 -2.62 -33.61
CA ASN B 383 28.01 -3.96 -33.71
C ASN B 383 26.92 -4.94 -33.32
N GLY B 384 26.38 -5.68 -34.30
CA GLY B 384 25.25 -6.56 -34.01
C GLY B 384 25.60 -7.71 -33.09
N ILE B 385 26.86 -8.13 -33.09
CA ILE B 385 27.28 -9.19 -32.19
C ILE B 385 27.37 -8.67 -30.77
N LYS B 386 27.97 -7.50 -30.60
CA LYS B 386 28.02 -6.89 -29.27
C LYS B 386 26.63 -6.58 -28.73
N ASN B 387 25.74 -6.12 -29.62
CA ASN B 387 24.38 -5.83 -29.18
C ASN B 387 23.66 -7.10 -28.76
N ARG B 388 23.86 -8.16 -29.53
CA ARG B 388 23.26 -9.46 -29.22
C ARG B 388 23.76 -9.95 -27.86
N ASP B 389 25.08 -10.01 -27.69
CA ASP B 389 25.63 -10.54 -26.45
C ASP B 389 25.36 -9.60 -25.27
N GLY B 390 25.26 -8.29 -25.53
CA GLY B 390 24.91 -7.36 -24.46
C GLY B 390 23.52 -7.63 -23.92
N LEU B 391 22.56 -7.85 -24.83
CA LEU B 391 21.21 -8.24 -24.41
C LEU B 391 21.24 -9.55 -23.65
N ASP B 392 21.99 -10.53 -24.16
CA ASP B 392 22.12 -11.81 -23.46
C ASP B 392 22.58 -11.59 -22.02
N ASP B 393 23.60 -10.76 -21.84
CA ASP B 393 24.09 -10.47 -20.49
C ASP B 393 23.04 -9.74 -19.67
N ILE B 394 22.33 -8.78 -20.26
CA ILE B 394 21.30 -8.05 -19.51
C ILE B 394 20.29 -9.04 -18.93
N VAL B 395 19.77 -9.93 -19.78
CA VAL B 395 18.74 -10.86 -19.33
C VAL B 395 19.26 -11.78 -18.25
N GLY B 396 20.43 -12.38 -18.47
CA GLY B 396 20.98 -13.31 -17.49
C GLY B 396 21.39 -12.62 -16.20
N ASP B 397 21.98 -11.42 -16.30
CA ASP B 397 22.45 -10.73 -15.10
C ASP B 397 21.28 -10.30 -14.24
N HIS B 398 20.28 -9.67 -14.85
CA HIS B 398 19.14 -9.15 -14.09
C HIS B 398 18.29 -10.27 -13.50
N ASN B 399 18.06 -11.34 -14.26
CA ASN B 399 17.09 -12.33 -13.81
C ASN B 399 17.70 -13.49 -13.04
N VAL B 400 18.96 -13.82 -13.27
CA VAL B 400 19.53 -15.00 -12.63
C VAL B 400 20.78 -14.66 -11.83
N ILE B 401 21.82 -14.15 -12.50
CA ILE B 401 23.14 -14.12 -11.88
C ILE B 401 23.17 -13.14 -10.71
N CYS B 402 22.71 -11.90 -10.93
CA CYS B 402 22.86 -10.93 -9.85
C CYS B 402 21.86 -11.15 -8.70
N PRO B 403 20.63 -11.60 -8.95
CA PRO B 403 19.80 -12.03 -7.80
C PRO B 403 20.46 -13.12 -7.01
N LEU B 404 21.09 -14.09 -7.70
CA LEU B 404 21.73 -15.20 -6.98
C LEU B 404 22.96 -14.71 -6.22
N MET B 405 23.69 -13.74 -6.78
CA MET B 405 24.85 -13.23 -6.06
C MET B 405 24.45 -12.43 -4.84
N HIS B 406 23.29 -11.76 -4.91
CA HIS B 406 22.76 -11.09 -3.72
C HIS B 406 22.41 -12.11 -2.65
N PHE B 407 21.70 -13.17 -3.04
CA PHE B 407 21.37 -14.24 -2.11
C PHE B 407 22.63 -14.87 -1.53
N VAL B 408 23.61 -15.16 -2.39
CA VAL B 408 24.85 -15.80 -1.94
C VAL B 408 25.52 -14.95 -0.86
N ASN B 409 25.61 -13.64 -1.11
CA ASN B 409 26.31 -12.77 -0.16
CA ASN B 409 26.28 -12.73 -0.19
C ASN B 409 25.52 -12.65 1.14
N LYS B 410 24.20 -12.48 1.06
CA LYS B 410 23.42 -12.40 2.29
C LYS B 410 23.45 -13.71 3.05
N TYR B 411 23.28 -14.84 2.35
CA TYR B 411 23.23 -16.13 3.02
C TYR B 411 24.53 -16.43 3.76
N THR B 412 25.66 -16.18 3.10
CA THR B 412 26.95 -16.59 3.63
C THR B 412 27.27 -15.89 4.96
N LYS B 413 26.64 -14.74 5.24
CA LYS B 413 26.87 -14.05 6.50
C LYS B 413 26.41 -14.87 7.70
N PHE B 414 25.44 -15.78 7.48
CA PHE B 414 24.86 -16.57 8.56
C PHE B 414 24.99 -18.08 8.36
N GLY B 415 25.16 -18.54 7.12
CA GLY B 415 25.17 -19.95 6.83
C GLY B 415 26.39 -20.67 7.36
N ASN B 416 26.44 -21.98 7.07
CA ASN B 416 27.47 -22.86 7.58
C ASN B 416 28.36 -23.41 6.44
N GLY B 417 28.38 -22.76 5.29
CA GLY B 417 29.25 -23.22 4.23
C GLY B 417 28.64 -23.00 2.87
N THR B 418 29.27 -22.20 2.02
CA THR B 418 28.76 -21.87 0.69
C THR B 418 29.76 -22.28 -0.37
N TYR B 419 29.27 -22.95 -1.42
CA TYR B 419 30.09 -23.33 -2.57
C TYR B 419 29.40 -22.81 -3.83
N LEU B 420 30.13 -22.03 -4.63
CA LEU B 420 29.59 -21.28 -5.75
C LEU B 420 30.29 -21.71 -7.04
N TYR B 421 29.51 -21.94 -8.10
CA TYR B 421 30.08 -22.38 -9.38
C TYR B 421 29.58 -21.48 -10.51
N PHE B 422 30.35 -21.52 -11.61
CA PHE B 422 30.01 -20.83 -12.86
C PHE B 422 30.15 -21.88 -13.96
N PHE B 423 29.03 -22.41 -14.45
CA PHE B 423 29.04 -23.46 -15.46
C PHE B 423 29.13 -22.80 -16.83
N ASN B 424 30.21 -23.05 -17.57
CA ASN B 424 30.39 -22.37 -18.84
C ASN B 424 30.88 -23.32 -19.93
N HIS B 425 30.44 -24.58 -19.89
CA HIS B 425 30.77 -25.53 -20.94
C HIS B 425 29.60 -25.66 -21.91
N ARG B 426 29.87 -25.43 -23.20
CA ARG B 426 28.88 -25.66 -24.24
C ARG B 426 28.98 -27.10 -24.72
N ALA B 427 27.88 -27.85 -24.63
CA ALA B 427 27.90 -29.26 -24.99
C ALA B 427 28.28 -29.45 -26.46
N SER B 428 29.10 -30.46 -26.72
CA SER B 428 29.54 -30.74 -28.09
C SER B 428 28.39 -31.09 -29.02
N ASN B 429 27.30 -31.63 -28.47
CA ASN B 429 26.18 -32.11 -29.27
C ASN B 429 24.95 -31.22 -29.15
N LEU B 430 25.14 -29.96 -28.78
CA LEU B 430 24.00 -29.06 -28.60
C LEU B 430 23.26 -28.86 -29.91
N VAL B 431 21.93 -28.90 -29.84
CA VAL B 431 21.10 -28.73 -31.03
C VAL B 431 20.73 -27.29 -31.26
N TRP B 432 20.99 -26.40 -30.31
CA TRP B 432 20.69 -24.99 -30.42
C TRP B 432 21.88 -24.25 -31.04
N PRO B 433 21.65 -23.10 -31.66
CA PRO B 433 22.72 -22.42 -32.40
C PRO B 433 23.81 -21.87 -31.47
N GLU B 434 24.95 -21.53 -32.07
CA GLU B 434 26.13 -21.19 -31.28
C GLU B 434 25.97 -19.87 -30.54
N TRP B 435 25.19 -18.93 -31.08
CA TRP B 435 25.08 -17.63 -30.41
C TRP B 435 24.46 -17.76 -29.03
N MET B 436 23.68 -18.81 -28.80
CA MET B 436 23.02 -18.99 -27.50
C MET B 436 23.99 -19.45 -26.43
N GLY B 437 25.15 -19.98 -26.79
CA GLY B 437 26.22 -20.17 -25.81
C GLY B 437 25.91 -21.31 -24.84
N VAL B 438 26.10 -21.04 -23.55
CA VAL B 438 25.86 -22.02 -22.49
C VAL B 438 24.49 -21.69 -21.92
N ILE B 439 23.47 -22.42 -22.38
CA ILE B 439 22.09 -22.04 -22.22
C ILE B 439 21.60 -22.37 -20.81
N HIS B 440 20.69 -21.52 -20.31
CA HIS B 440 19.86 -21.82 -19.15
C HIS B 440 19.43 -23.28 -19.18
N GLY B 441 19.58 -23.97 -18.05
CA GLY B 441 19.14 -25.35 -17.95
C GLY B 441 20.03 -26.39 -18.59
N TYR B 442 21.07 -26.01 -19.33
CA TYR B 442 21.83 -27.04 -20.02
C TYR B 442 22.99 -27.58 -19.18
N GLU B 443 23.07 -27.20 -17.92
CA GLU B 443 23.89 -27.94 -16.97
C GLU B 443 23.15 -29.15 -16.41
N ILE B 444 21.82 -29.19 -16.53
CA ILE B 444 21.06 -30.27 -15.91
C ILE B 444 21.48 -31.63 -16.45
N GLU B 445 21.68 -31.74 -17.77
CA GLU B 445 22.05 -33.04 -18.33
C GLU B 445 23.40 -33.52 -17.80
N PHE B 446 24.28 -32.60 -17.39
CA PHE B 446 25.52 -33.04 -16.76
C PHE B 446 25.30 -33.47 -15.31
N VAL B 447 24.42 -32.77 -14.60
CA VAL B 447 24.12 -33.14 -13.21
C VAL B 447 23.48 -34.52 -13.15
N PHE B 448 22.66 -34.88 -14.14
CA PHE B 448 21.95 -36.15 -14.14
C PHE B 448 22.68 -37.24 -14.92
N GLY B 449 23.89 -36.96 -15.38
CA GLY B 449 24.76 -38.00 -15.89
C GLY B 449 24.47 -38.48 -17.29
N LEU B 450 23.67 -37.74 -18.06
CA LEU B 450 23.43 -38.13 -19.45
C LEU B 450 24.68 -38.34 -20.27
N PRO B 451 25.78 -37.56 -20.10
CA PRO B 451 26.98 -37.86 -20.90
C PRO B 451 27.55 -39.25 -20.68
N LEU B 452 27.12 -39.97 -19.64
CA LEU B 452 27.57 -41.34 -19.44
C LEU B 452 26.92 -42.32 -20.41
N VAL B 453 25.89 -41.89 -21.14
CA VAL B 453 25.18 -42.75 -22.09
C VAL B 453 25.86 -42.59 -23.44
N LYS B 454 26.61 -43.62 -23.86
CA LYS B 454 27.42 -43.54 -25.08
C LYS B 454 26.59 -43.16 -26.30
N GLU B 455 25.35 -43.64 -26.36
CA GLU B 455 24.50 -43.39 -27.53
C GLU B 455 24.17 -41.91 -27.70
N LEU B 456 24.28 -41.10 -26.64
CA LEU B 456 23.95 -39.68 -26.75
C LEU B 456 25.08 -38.85 -27.36
N ASN B 457 26.26 -39.44 -27.58
CA ASN B 457 27.34 -38.84 -28.37
C ASN B 457 27.95 -37.62 -27.69
N TYR B 458 28.07 -37.65 -26.36
CA TYR B 458 28.95 -36.68 -25.72
C TYR B 458 30.39 -37.13 -25.87
N THR B 459 31.32 -36.19 -25.70
CA THR B 459 32.74 -36.54 -25.75
C THR B 459 33.17 -37.23 -24.46
N ALA B 460 34.35 -37.84 -24.49
CA ALA B 460 34.90 -38.43 -23.28
C ALA B 460 35.15 -37.36 -22.23
N GLU B 461 35.55 -36.17 -22.66
CA GLU B 461 35.78 -35.10 -21.70
C GLU B 461 34.49 -34.67 -21.03
N GLU B 462 33.36 -34.73 -21.77
CA GLU B 462 32.08 -34.39 -21.19
C GLU B 462 31.60 -35.47 -20.23
N GLU B 463 31.89 -36.74 -20.54
CA GLU B 463 31.60 -37.77 -19.55
C GLU B 463 32.40 -37.54 -18.27
N ALA B 464 33.66 -37.14 -18.41
CA ALA B 464 34.46 -36.87 -17.21
C ALA B 464 33.88 -35.70 -16.44
N LEU B 465 33.47 -34.64 -17.14
CA LEU B 465 32.86 -33.49 -16.48
C LEU B 465 31.56 -33.89 -15.77
N SER B 466 30.72 -34.68 -16.43
CA SER B 466 29.48 -35.13 -15.79
C SER B 466 29.78 -35.91 -14.51
N ARG B 467 30.72 -36.85 -14.59
CA ARG B 467 31.07 -37.64 -13.40
C ARG B 467 31.62 -36.75 -12.29
N ARG B 468 32.43 -35.75 -12.64
CA ARG B 468 32.93 -34.80 -11.65
CA ARG B 468 32.93 -34.79 -11.65
C ARG B 468 31.78 -34.06 -10.97
N ILE B 469 30.82 -33.59 -11.76
CA ILE B 469 29.73 -32.78 -11.24
C ILE B 469 28.81 -33.64 -10.37
N MET B 470 28.46 -34.84 -10.84
CA MET B 470 27.66 -35.74 -10.02
C MET B 470 28.35 -36.03 -8.69
N HIS B 471 29.67 -36.22 -8.70
CA HIS B 471 30.36 -36.52 -7.45
C HIS B 471 30.43 -35.31 -6.53
N TYR B 472 30.66 -34.11 -7.08
CA TYR B 472 30.55 -32.90 -6.27
C TYR B 472 29.16 -32.81 -5.63
N TRP B 473 28.12 -32.94 -6.43
CA TRP B 473 26.76 -32.79 -5.94
C TRP B 473 26.46 -33.83 -4.86
N ALA B 474 26.83 -35.09 -5.11
CA ALA B 474 26.49 -36.15 -4.16
C ALA B 474 27.39 -36.12 -2.94
N THR B 475 28.68 -35.79 -3.12
CA THR B 475 29.55 -35.64 -1.96
C THR B 475 29.10 -34.47 -1.09
N PHE B 476 28.72 -33.36 -1.71
CA PHE B 476 28.12 -32.27 -0.94
C PHE B 476 26.86 -32.74 -0.24
N ALA B 477 25.98 -33.45 -0.95
CA ALA B 477 24.77 -33.96 -0.33
C ALA B 477 25.10 -34.80 0.90
N LYS B 478 26.14 -35.63 0.82
CA LYS B 478 26.46 -36.53 1.93
C LYS B 478 27.13 -35.81 3.10
N THR B 479 27.92 -34.78 2.83
CA THR B 479 28.84 -34.24 3.84
C THR B 479 28.74 -32.73 4.06
N GLY B 480 28.08 -31.99 3.18
CA GLY B 480 28.12 -30.55 3.27
C GLY B 480 29.34 -29.95 2.61
N ASN B 481 30.11 -30.74 1.88
CA ASN B 481 31.35 -30.35 1.23
C ASN B 481 31.48 -31.13 -0.08
N PRO B 482 31.57 -30.46 -1.24
CA PRO B 482 31.70 -31.19 -2.50
C PRO B 482 33.02 -31.91 -2.64
N ASN B 483 34.02 -31.54 -1.85
CA ASN B 483 35.35 -32.11 -1.95
C ASN B 483 35.45 -33.35 -1.09
N GLU B 484 36.12 -34.36 -1.61
CA GLU B 484 36.53 -35.47 -0.78
C GLU B 484 37.85 -35.14 -0.09
N PRO B 485 37.90 -35.07 1.24
CA PRO B 485 39.19 -34.92 1.92
C PRO B 485 40.09 -36.12 1.64
N HIS B 486 41.36 -35.95 2.01
CA HIS B 486 42.42 -36.94 1.75
C HIS B 486 42.68 -37.14 0.26
N SER B 487 41.89 -36.52 -0.61
CA SER B 487 42.04 -36.70 -2.04
C SER B 487 43.05 -35.73 -2.61
N GLN B 488 43.58 -36.09 -3.79
CA GLN B 488 44.55 -35.25 -4.50
C GLN B 488 43.91 -34.47 -5.64
N GLU B 489 42.59 -34.46 -5.74
CA GLU B 489 41.93 -33.60 -6.70
C GLU B 489 42.01 -32.16 -6.24
N SER B 490 42.00 -31.23 -7.20
CA SER B 490 41.95 -29.83 -6.84
C SER B 490 40.68 -29.56 -6.05
N LYS B 491 40.77 -28.65 -5.09
CA LYS B 491 39.72 -28.43 -4.12
C LYS B 491 38.88 -27.21 -4.50
N TRP B 492 37.57 -27.40 -4.49
CA TRP B 492 36.59 -26.33 -4.66
C TRP B 492 36.52 -25.54 -3.35
N PRO B 493 36.94 -24.28 -3.32
CA PRO B 493 37.02 -23.55 -2.05
C PRO B 493 35.68 -23.01 -1.60
N LEU B 494 35.52 -22.94 -0.28
CA LEU B 494 34.41 -22.22 0.31
C LEU B 494 34.34 -20.79 -0.24
N PHE B 495 33.12 -20.36 -0.56
CA PHE B 495 32.83 -18.95 -0.78
C PHE B 495 32.74 -18.26 0.57
N THR B 496 33.55 -17.21 0.77
CA THR B 496 33.53 -16.47 2.01
C THR B 496 33.14 -15.01 1.74
N THR B 497 32.61 -14.36 2.77
CA THR B 497 32.24 -12.95 2.63
C THR B 497 33.42 -12.12 2.13
N LYS B 498 34.63 -12.44 2.58
CA LYS B 498 35.78 -11.60 2.24
C LYS B 498 36.33 -11.93 0.86
N GLU B 499 36.62 -13.21 0.60
CA GLU B 499 37.32 -13.57 -0.62
C GLU B 499 36.40 -13.91 -1.79
N GLN B 500 35.18 -14.37 -1.52
CA GLN B 500 34.13 -14.52 -2.54
C GLN B 500 34.55 -15.41 -3.70
N LYS B 501 35.24 -16.50 -3.39
CA LYS B 501 35.75 -17.40 -4.41
C LYS B 501 34.66 -18.27 -5.00
N PHE B 502 34.83 -18.59 -6.28
CA PHE B 502 34.00 -19.57 -6.98
C PHE B 502 34.89 -20.29 -7.97
N ILE B 503 34.37 -21.38 -8.55
CA ILE B 503 35.06 -22.10 -9.60
C ILE B 503 34.25 -22.09 -10.88
N ASP B 504 34.95 -22.19 -12.01
CA ASP B 504 34.33 -22.57 -13.27
C ASP B 504 34.07 -24.07 -13.25
N LEU B 505 32.94 -24.48 -13.82
CA LEU B 505 32.69 -25.88 -14.10
C LEU B 505 32.77 -26.06 -15.61
N ASN B 506 33.81 -26.76 -16.07
CA ASN B 506 33.95 -27.06 -17.49
C ASN B 506 34.94 -28.21 -17.62
N THR B 507 35.37 -28.48 -18.85
CA THR B 507 36.24 -29.63 -19.10
C THR B 507 37.71 -29.34 -18.86
N GLU B 508 38.07 -28.10 -18.57
CA GLU B 508 39.46 -27.74 -18.28
C GLU B 508 39.77 -27.96 -16.80
N PRO B 509 41.05 -28.06 -16.46
CA PRO B 509 41.43 -28.06 -15.04
C PRO B 509 40.81 -26.88 -14.30
N MET B 510 40.53 -27.10 -13.02
CA MET B 510 39.79 -26.12 -12.23
C MET B 510 40.50 -24.78 -12.17
N LYS B 511 39.72 -23.71 -12.32
CA LYS B 511 40.18 -22.35 -12.03
C LYS B 511 39.31 -21.79 -10.91
N VAL B 512 39.96 -21.12 -9.98
CA VAL B 512 39.29 -20.37 -8.93
C VAL B 512 39.28 -18.91 -9.32
N HIS B 513 38.14 -18.26 -9.16
CA HIS B 513 38.00 -16.83 -9.40
C HIS B 513 37.36 -16.20 -8.16
N GLN B 514 37.29 -14.87 -8.16
CA GLN B 514 36.62 -14.14 -7.09
C GLN B 514 35.65 -13.12 -7.70
N ARG B 515 34.59 -12.84 -6.93
CA ARG B 515 33.62 -11.79 -7.23
C ARG B 515 32.98 -12.00 -8.60
N LEU B 516 32.17 -13.05 -8.67
CA LEU B 516 31.43 -13.38 -9.88
C LEU B 516 30.60 -12.19 -10.39
N ARG B 517 30.96 -11.70 -11.57
CA ARG B 517 30.26 -10.60 -12.26
C ARG B 517 29.94 -9.43 -11.32
N VAL B 518 30.94 -9.06 -10.52
CA VAL B 518 30.71 -8.08 -9.46
C VAL B 518 30.33 -6.73 -10.03
N GLN B 519 30.94 -6.34 -11.16
CA GLN B 519 30.70 -5.01 -11.70
C GLN B 519 29.25 -4.86 -12.12
N MET B 520 28.74 -5.79 -12.91
CA MET B 520 27.34 -5.69 -13.30
C MET B 520 26.40 -5.86 -12.12
N CYS B 521 26.78 -6.69 -11.14
CA CYS B 521 25.84 -6.95 -10.07
C CYS B 521 25.78 -5.80 -9.07
N VAL B 522 26.84 -4.99 -8.94
CA VAL B 522 26.67 -3.74 -8.20
C VAL B 522 25.62 -2.88 -8.88
N PHE B 523 25.65 -2.84 -10.23
CA PHE B 523 24.62 -2.10 -10.97
C PHE B 523 23.23 -2.64 -10.68
N TRP B 524 23.05 -3.96 -10.82
CA TRP B 524 21.71 -4.53 -10.69
C TRP B 524 21.23 -4.55 -9.24
N ASN B 525 22.15 -4.78 -8.28
CA ASN B 525 21.74 -5.00 -6.90
C ASN B 525 21.78 -3.75 -6.03
N GLN B 526 22.63 -2.78 -6.36
CA GLN B 526 22.72 -1.56 -5.57
C GLN B 526 22.22 -0.35 -6.34
N PHE B 527 22.79 -0.06 -7.51
CA PHE B 527 22.52 1.23 -8.14
C PHE B 527 21.13 1.31 -8.75
N LEU B 528 20.79 0.37 -9.64
CA LEU B 528 19.50 0.48 -10.33
C LEU B 528 18.32 0.50 -9.36
N PRO B 529 18.23 -0.37 -8.34
CA PRO B 529 17.08 -0.28 -7.42
C PRO B 529 16.97 1.09 -6.78
N LYS B 530 18.11 1.70 -6.49
CA LYS B 530 18.11 3.03 -5.90
C LYS B 530 17.63 4.07 -6.90
N LEU B 531 18.05 3.95 -8.17
CA LEU B 531 17.54 4.84 -9.20
C LEU B 531 16.02 4.69 -9.34
N LEU B 532 15.52 3.46 -9.35
CA LEU B 532 14.10 3.23 -9.54
C LEU B 532 13.28 3.69 -8.33
N ASN B 533 13.84 3.62 -7.13
CA ASN B 533 13.15 4.09 -5.94
C ASN B 533 13.10 5.62 -5.91
N ALA B 534 14.16 6.28 -6.38
CA ALA B 534 14.14 7.74 -6.42
C ALA B 534 13.08 8.24 -7.37
N THR B 535 12.94 7.60 -8.52
CA THR B 535 12.06 8.05 -9.59
C THR B 535 10.86 7.12 -9.73
C1 NAG C . -26.62 -3.05 8.37
C2 NAG C . -27.05 -4.50 8.17
C3 NAG C . -26.22 -5.13 7.07
C4 NAG C . -26.40 -4.34 5.78
C5 NAG C . -26.08 -2.85 6.01
C6 NAG C . -26.46 -2.00 4.81
C7 NAG C . -27.99 -5.93 9.93
C8 NAG C . -29.28 -5.84 9.18
N2 NAG C . -26.95 -5.27 9.40
O3 NAG C . -26.60 -6.48 6.89
O4 NAG C . -25.56 -4.86 4.76
O5 NAG C . -26.80 -2.33 7.14
O6 NAG C . -27.37 -0.97 5.18
O7 NAG C . -27.88 -6.58 10.97
C1 NAG D . 2.04 24.26 31.99
C2 NAG D . 3.33 25.08 31.94
C3 NAG D . 4.36 24.50 32.93
C4 NAG D . 3.76 24.37 34.32
C5 NAG D . 2.48 23.55 34.24
C6 NAG D . 1.77 23.42 35.57
C7 NAG D . 3.67 26.14 29.77
C8 NAG D . 4.29 26.02 28.41
N2 NAG D . 3.87 25.11 30.59
O3 NAG D . 5.49 25.38 32.97
O4 NAG D . 4.69 23.76 35.19
O5 NAG D . 1.57 24.18 33.33
O6 NAG D . 1.57 24.68 36.19
O7 NAG D . 3.03 27.13 30.11
C1 NAG E . -3.24 8.20 -10.60
C2 NAG E . -4.38 8.64 -11.54
C3 NAG E . -4.83 7.49 -12.46
C4 NAG E . -3.66 6.73 -13.06
C5 NAG E . -2.65 6.37 -11.97
C6 NAG E . -1.44 5.63 -12.47
C7 NAG E . -5.99 10.37 -10.82
C8 NAG E . -7.16 10.66 -9.93
N2 NAG E . -5.51 9.13 -10.76
O3 NAG E . -5.65 8.02 -13.49
O4 NAG E . -4.12 5.55 -13.69
O5 NAG E . -2.21 7.58 -11.35
O6 NAG E . -0.60 6.44 -13.27
O7 NAG E . -5.53 11.22 -11.58
CAA E1N F . -15.21 24.93 -2.61
CAB E1N F . -14.85 24.80 -1.27
CAC E1N F . -13.54 25.04 -0.90
CAD E1N F . -12.58 25.40 -1.82
CAE E1N F . -12.93 25.55 -3.16
CAF E1N F . -14.26 25.31 -3.57
CAG E1N F . -14.01 24.58 1.37
CAH E1N F . -15.35 24.31 1.07
CAI E1N F . -15.75 24.44 -0.27
CAJ E1N F . -16.26 23.99 2.07
CAK E1N F . -15.59 23.47 3.33
CAL E1N F . -14.50 24.46 3.75
CAM E1N F . -13.45 24.47 2.67
CAN E1N F . -11.80 25.16 0.74
CAR E1N F . -16.97 25.32 2.47
CAS E1N F . -15.01 25.74 3.93
CAT E1N F . -16.17 26.17 3.30
CAU E1N F . -16.55 27.47 3.64
CAV E1N F . -17.11 28.24 2.47
NAO E1N F . -17.04 24.21 -0.61
NAQ E1N F . -13.18 24.90 0.39
CLA E1N F . -11.68 26.06 -4.30
CL CL G . 0.14 32.70 -5.31
CL CL H . 4.75 32.75 27.01
CL CL I . -32.56 0.43 16.30
C1 PEG J . -22.34 41.44 24.77
O1 PEG J . -21.94 42.69 24.26
C2 PEG J . -23.86 41.40 24.92
O2 PEG J . -24.26 40.27 25.66
C3 PEG J . -25.28 39.51 25.08
C4 PEG J . -26.66 39.98 25.54
O4 PEG J . -27.12 41.05 24.75
C1 PEG K . -3.33 41.37 17.82
O1 PEG K . -3.53 41.37 19.20
C2 PEG K . -2.18 40.45 17.45
O2 PEG K . -1.41 41.07 16.47
C3 PEG K . -1.30 40.36 15.27
C4 PEG K . 0.01 39.59 15.18
O4 PEG K . 0.47 39.29 16.46
C1 NAG L . 2.40 -52.95 -13.01
C2 NAG L . 1.94 -54.39 -13.32
C3 NAG L . 2.87 -55.03 -14.35
C4 NAG L . 3.01 -54.15 -15.58
C5 NAG L . 3.41 -52.73 -15.17
C6 NAG L . 3.46 -51.76 -16.32
C7 NAG L . 0.76 -55.81 -11.70
C8 NAG L . 0.88 -56.58 -10.42
N2 NAG L . 1.88 -55.19 -12.11
O3 NAG L . 2.36 -56.31 -14.73
O4 NAG L . 4.00 -54.68 -16.46
O5 NAG L . 2.47 -52.20 -14.22
O6 NAG L . 2.30 -51.81 -17.14
O7 NAG L . -0.29 -55.72 -12.32
C1 NAG M . 29.83 -24.87 10.57
C2 NAG M . 31.11 -24.03 10.61
C3 NAG M . 32.13 -24.62 11.59
C4 NAG M . 31.49 -24.91 12.95
C5 NAG M . 30.26 -25.78 12.73
C6 NAG M . 29.53 -26.13 14.01
C7 NAG M . 31.52 -22.91 8.46
C8 NAG M . 32.20 -23.00 7.13
N2 NAG M . 31.69 -23.95 9.28
O3 NAG M . 33.19 -23.69 11.76
O4 NAG M . 32.41 -25.58 13.80
O5 NAG M . 29.33 -25.06 11.89
O6 NAG M . 29.19 -24.97 14.77
O7 NAG M . 30.87 -21.91 8.79
C1 NAG N . 26.51 -40.54 -32.86
C2 NAG N . 25.19 -40.48 -33.62
C3 NAG N . 25.15 -41.58 -34.68
C4 NAG N . 26.38 -41.48 -35.58
C5 NAG N . 27.65 -41.47 -34.75
C6 NAG N . 28.89 -41.23 -35.57
C7 NAG N . 23.02 -39.76 -32.68
C8 NAG N . 21.96 -40.06 -31.67
N2 NAG N . 24.05 -40.61 -32.71
O3 NAG N . 23.96 -41.44 -35.46
O4 NAG N . 26.41 -42.60 -36.47
O5 NAG N . 27.59 -40.42 -33.77
O6 NAG N . 29.09 -39.85 -35.84
O7 NAG N . 22.95 -38.81 -33.44
CAA E1N O . 12.82 -24.21 -24.10
CAB E1N O . 13.20 -24.36 -22.76
CAC E1N O . 14.50 -24.13 -22.37
CAD E1N O . 15.45 -23.74 -23.31
CAE E1N O . 15.10 -23.58 -24.65
CAF E1N O . 13.78 -23.81 -25.05
CAG E1N O . 14.02 -24.63 -20.11
CAH E1N O . 12.70 -24.90 -20.43
CAI E1N O . 12.30 -24.75 -21.76
CAJ E1N O . 11.77 -25.24 -19.44
CAK E1N O . 12.42 -25.77 -18.19
CAL E1N O . 13.49 -24.77 -17.75
CAM E1N O . 14.57 -24.76 -18.82
CAN E1N O . 16.26 -24.02 -20.74
CAR E1N O . 11.02 -23.94 -19.04
CAS E1N O . 12.97 -23.48 -17.58
CAT E1N O . 11.82 -23.06 -18.23
CAU E1N O . 11.40 -21.78 -17.91
CAV E1N O . 10.93 -20.99 -19.10
NAO E1N O . 11.02 -24.98 -22.09
NAQ E1N O . 14.87 -24.29 -21.09
CLA E1N O . 16.36 -23.01 -25.79
CL CL P . 28.16 -16.42 -27.07
C1 PEG Q . 27.85 -9.05 -4.85
O1 PEG Q . 26.57 -8.79 -5.38
C2 PEG Q . 28.38 -7.84 -4.08
O2 PEG Q . 29.63 -8.12 -3.46
C3 PEG Q . 30.51 -7.03 -3.42
C4 PEG Q . 30.53 -6.41 -2.02
O4 PEG Q . 31.67 -6.82 -1.32
#